data_6B0B
#
_entry.id   6B0B
#
_cell.length_a   101.293
_cell.length_b   101.293
_cell.length_c   211.217
_cell.angle_alpha   90.000
_cell.angle_beta   90.000
_cell.angle_gamma   120.000
#
_symmetry.space_group_name_H-M   'P 31 1 2'
#
loop_
_entity.id
_entity.type
_entity.pdbx_description
1 polymer APOBEC3H
2 polymer "RNA (5'-R(*UP*AP*AP*AP*AP*AP*AP*A)-3')"
3 polymer "RNA (5'-R(*UP*UP*UP*UP*UP*UP*UP*U)-3')"
4 polymer MCherry
5 non-polymer 'ZINC ION'
6 water water
#
loop_
_entity_poly.entity_id
_entity_poly.type
_entity_poly.pdbx_seq_one_letter_code
_entity_poly.pdbx_strand_id
1 'polypeptide(L)'
;AAAMALLTAETFRLQFNNKRRLRRPYYPRKALLCYQLTPQNGSTPTRGYFENKKECHAEICFINEIKSMGLDETQCYQVT
CYLTWSPCSSCAWELVDFIKAHDHLNLRIFASRLYYHWCKPQQDGLRLLCGSQVPVEVMGFPEFADCWENFVDHEKPLSF
NPYKMLEELDKNSRAIKRRLDRIKQS
;
A,E
2 'polyribonucleotide' UAAAAAAA B,F
3 'polyribonucleotide' UUUUUUUUU C,G
4 'polypeptide(L)'
;MGSSHHHHHHSQDPNSLEVLFQGMVSKGEEDNMAIIKEFMRFKVHMEGSVNGHEFEIEGEGEGRPYEGTQTAKLKVTKGG
PLPFAWDILSPQFMYGSKAYVKHPADIPDYLKLSFPEGFKWERVMNFEDGGVVTVTQDSSLQDGEFIYKVKLRGTNFPSD
GPVMQKKTMGWEASSERMYPEDGALKGEIKQRLKLKDGGHYDAEVKTTYKAKKPVQLPGAYNVNIKLDITSHNEDYTIVE
QYERAEGRHSTGGMD
;
D,H
#
loop_
_chem_comp.id
_chem_comp.type
_chem_comp.name
_chem_comp.formula
A RNA linking ADENOSINE-5'-MONOPHOSPHATE 'C10 H14 N5 O7 P'
U RNA linking URIDINE-5'-MONOPHOSPHATE 'C9 H13 N2 O9 P'
ZN non-polymer 'ZINC ION' 'Zn 2'
#
# COMPACT_ATOMS: atom_id res chain seq x y z
N LEU A 6 -1.30 19.93 -6.90
CA LEU A 6 -1.70 20.26 -5.53
C LEU A 6 -0.75 19.63 -4.52
N LEU A 7 0.52 19.99 -4.60
CA LEU A 7 1.55 19.48 -3.71
C LEU A 7 2.17 20.62 -2.91
N THR A 8 2.95 20.24 -1.91
CA THR A 8 3.63 21.19 -1.04
C THR A 8 5.09 21.32 -1.46
N ALA A 9 5.64 22.53 -1.34
CA ALA A 9 7.03 22.77 -1.74
C ALA A 9 7.99 21.91 -0.92
N GLU A 10 7.68 21.70 0.37
CA GLU A 10 8.50 20.82 1.18
C GLU A 10 8.39 19.37 0.71
N THR A 11 7.16 18.91 0.46
CA THR A 11 6.95 17.52 0.03
C THR A 11 7.70 17.21 -1.25
N PHE A 12 7.92 18.22 -2.10
CA PHE A 12 8.69 18.02 -3.32
C PHE A 12 10.07 17.43 -3.02
N ARG A 13 10.86 18.15 -2.22
CA ARG A 13 12.18 17.64 -1.87
C ARG A 13 12.11 16.49 -0.88
N LEU A 14 11.01 16.34 -0.14
CA LEU A 14 10.88 15.21 0.78
C LEU A 14 10.65 13.91 0.04
N GLN A 15 10.07 13.94 -1.15
CA GLN A 15 9.77 12.74 -1.91
C GLN A 15 10.55 12.61 -3.22
N PHE A 16 10.87 13.71 -3.89
CA PHE A 16 11.63 13.64 -5.13
C PHE A 16 13.13 13.60 -4.91
N ASN A 17 13.63 14.41 -3.98
CA ASN A 17 15.06 14.42 -3.67
C ASN A 17 15.45 13.16 -2.91
N ASN A 18 16.32 12.35 -3.51
CA ASN A 18 16.77 11.10 -2.91
C ASN A 18 18.24 10.91 -3.25
N LYS A 19 19.10 11.06 -2.26
CA LYS A 19 20.55 10.93 -2.44
C LYS A 19 20.97 9.49 -2.17
N ARG A 20 22.24 9.19 -2.48
CA ARG A 20 22.79 7.88 -2.15
C ARG A 20 22.74 7.64 -0.64
N ARG A 21 23.24 8.60 0.15
CA ARG A 21 23.05 8.60 1.60
C ARG A 21 22.10 9.74 1.92
N LEU A 22 20.93 9.40 2.43
CA LEU A 22 19.82 10.34 2.54
C LEU A 22 20.02 11.28 3.73
N ARG A 23 18.96 12.00 4.08
CA ARG A 23 19.02 13.08 5.06
C ARG A 23 19.04 12.51 6.48
N ARG A 24 18.84 13.39 7.47
CA ARG A 24 19.01 12.99 8.86
C ARG A 24 17.94 12.01 9.32
N PRO A 25 16.65 12.23 9.06
CA PRO A 25 15.67 11.16 9.32
C PRO A 25 15.91 9.98 8.38
N TYR A 26 15.72 8.78 8.91
CA TYR A 26 16.10 7.56 8.20
C TYR A 26 14.89 6.98 7.47
N TYR A 27 15.05 6.80 6.16
CA TYR A 27 14.10 6.31 5.17
C TYR A 27 12.67 6.82 5.34
N PRO A 28 12.46 8.14 5.48
CA PRO A 28 11.06 8.63 5.47
C PRO A 28 10.64 9.03 4.06
N ARG A 29 10.50 8.03 3.19
CA ARG A 29 10.26 8.26 1.77
C ARG A 29 9.14 7.36 1.27
N LYS A 30 8.27 7.92 0.44
CA LYS A 30 7.20 7.19 -0.23
C LYS A 30 7.25 7.50 -1.72
N ALA A 31 6.43 6.78 -2.48
CA ALA A 31 6.43 6.87 -3.93
C ALA A 31 5.30 7.77 -4.43
N LEU A 32 5.64 8.63 -5.39
CA LEU A 32 4.67 9.51 -6.04
C LEU A 32 4.76 9.33 -7.55
N LEU A 33 3.67 9.67 -8.22
CA LEU A 33 3.61 9.70 -9.68
C LEU A 33 2.96 11.01 -10.10
N CYS A 34 3.35 11.51 -11.27
CA CYS A 34 2.81 12.78 -11.76
C CYS A 34 2.54 12.61 -13.26
N TYR A 35 1.27 12.40 -13.60
CA TYR A 35 0.87 12.25 -14.99
C TYR A 35 0.50 13.62 -15.57
N GLN A 36 1.00 13.89 -16.78
CA GLN A 36 0.74 15.12 -17.51
C GLN A 36 0.20 14.71 -18.88
N LEU A 37 -1.12 14.53 -18.96
CA LEU A 37 -1.75 14.15 -20.21
C LEU A 37 -1.89 15.40 -21.07
N THR A 38 -1.36 15.35 -22.29
CA THR A 38 -1.31 16.52 -23.18
C THR A 38 -2.05 16.19 -24.47
N PRO A 39 -3.38 16.33 -24.49
CA PRO A 39 -4.11 16.24 -25.76
C PRO A 39 -3.79 17.41 -26.67
N GLN A 40 -3.09 17.13 -27.76
CA GLN A 40 -2.68 18.12 -28.74
C GLN A 40 -3.76 18.42 -29.77
N ASN A 41 -4.89 17.71 -29.73
CA ASN A 41 -5.97 17.96 -30.67
C ASN A 41 -6.47 19.40 -30.54
N GLY A 42 -6.96 19.76 -29.36
CA GLY A 42 -7.38 21.13 -29.11
C GLY A 42 -6.52 21.80 -28.06
N SER A 43 -5.36 21.21 -27.79
CA SER A 43 -4.43 21.68 -26.76
C SER A 43 -5.15 21.82 -25.42
N THR A 44 -5.61 20.67 -24.92
CA THR A 44 -6.45 20.62 -23.72
C THR A 44 -5.78 19.73 -22.68
N PRO A 45 -4.75 20.23 -21.99
CA PRO A 45 -3.97 19.37 -21.10
C PRO A 45 -4.63 19.16 -19.74
N THR A 46 -4.42 17.96 -19.21
CA THR A 46 -4.81 17.61 -17.85
C THR A 46 -3.57 17.18 -17.08
N ARG A 47 -3.60 17.39 -15.77
CA ARG A 47 -2.46 17.09 -14.92
C ARG A 47 -2.95 16.43 -13.64
N GLY A 48 -2.07 15.66 -13.01
CA GLY A 48 -2.41 15.09 -11.72
C GLY A 48 -1.33 14.29 -11.04
N TYR A 49 -1.30 14.32 -9.71
CA TYR A 49 -0.38 13.51 -8.95
C TYR A 49 -1.12 12.36 -8.29
N PHE A 50 -0.43 11.23 -8.16
CA PHE A 50 -0.96 10.03 -7.53
C PHE A 50 0.06 9.54 -6.51
N GLU A 51 -0.29 9.63 -5.23
CA GLU A 51 0.52 9.02 -4.19
C GLU A 51 0.40 7.50 -4.27
N ASN A 52 1.41 6.82 -3.74
CA ASN A 52 1.35 5.36 -3.65
C ASN A 52 0.30 5.00 -2.61
N LYS A 53 -0.88 4.61 -3.07
CA LYS A 53 -2.06 4.50 -2.22
C LYS A 53 -2.06 3.13 -1.52
N LYS A 54 -3.19 2.76 -0.93
CA LYS A 54 -3.30 1.60 -0.06
C LYS A 54 -3.15 0.33 -0.89
N GLU A 55 -1.93 -0.22 -0.90
CA GLU A 55 -1.59 -1.44 -1.63
C GLU A 55 -2.14 -1.41 -3.05
N CYS A 56 -1.90 -0.29 -3.73
CA CYS A 56 -2.19 -0.17 -5.16
C CYS A 56 -1.23 0.88 -5.69
N HIS A 57 -0.16 0.43 -6.35
CA HIS A 57 0.91 1.32 -6.78
C HIS A 57 0.35 2.41 -7.69
N ALA A 58 0.90 3.62 -7.55
CA ALA A 58 0.39 4.79 -8.26
C ALA A 58 0.29 4.57 -9.76
N GLU A 59 1.05 3.62 -10.31
CA GLU A 59 0.91 3.29 -11.72
C GLU A 59 -0.46 2.68 -12.02
N ILE A 60 -0.87 1.71 -11.20
CA ILE A 60 -2.19 1.10 -11.38
C ILE A 60 -3.29 2.10 -11.06
N CYS A 61 -3.07 2.95 -10.05
CA CYS A 61 -4.05 3.99 -9.73
C CYS A 61 -4.23 4.96 -10.89
N PHE A 62 -3.13 5.39 -11.50
CA PHE A 62 -3.23 6.32 -12.63
C PHE A 62 -3.78 5.63 -13.87
N ILE A 63 -3.48 4.34 -14.05
CA ILE A 63 -4.09 3.59 -15.14
C ILE A 63 -5.59 3.55 -14.98
N ASN A 64 -6.07 3.24 -13.77
CA ASN A 64 -7.51 3.20 -13.53
C ASN A 64 -8.13 4.60 -13.62
N GLU A 65 -7.36 5.64 -13.31
CA GLU A 65 -7.85 7.00 -13.47
C GLU A 65 -8.06 7.33 -14.95
N ILE A 66 -7.05 7.05 -15.78
CA ILE A 66 -7.19 7.21 -17.23
C ILE A 66 -8.35 6.36 -17.75
N LYS A 67 -8.56 5.19 -17.15
CA LYS A 67 -9.63 4.30 -17.59
C LYS A 67 -11.00 4.89 -17.29
N SER A 68 -11.25 5.26 -16.03
CA SER A 68 -12.55 5.73 -15.58
C SER A 68 -12.75 7.23 -15.76
N MET A 69 -11.82 7.93 -16.42
CA MET A 69 -12.00 9.35 -16.66
C MET A 69 -12.69 9.65 -17.98
N GLY A 70 -12.63 8.73 -18.94
CA GLY A 70 -13.24 8.95 -20.24
C GLY A 70 -12.24 9.35 -21.29
N LEU A 71 -11.84 8.39 -22.13
CA LEU A 71 -10.88 8.64 -23.19
C LEU A 71 -11.59 9.03 -24.49
N ASP A 72 -10.81 9.50 -25.46
CA ASP A 72 -11.29 9.84 -26.79
C ASP A 72 -10.43 9.09 -27.79
N GLU A 73 -10.99 8.03 -28.38
CA GLU A 73 -10.25 7.09 -29.23
C GLU A 73 -9.81 7.70 -30.56
N THR A 74 -10.06 8.99 -30.81
CA THR A 74 -9.74 9.59 -32.10
C THR A 74 -8.29 10.05 -32.20
N GLN A 75 -7.89 10.95 -31.30
CA GLN A 75 -6.59 11.60 -31.38
C GLN A 75 -5.55 10.89 -30.53
N CYS A 76 -4.30 11.29 -30.70
CA CYS A 76 -3.18 10.74 -29.96
C CYS A 76 -2.79 11.66 -28.82
N TYR A 77 -2.24 11.08 -27.76
CA TYR A 77 -1.85 11.81 -26.57
C TYR A 77 -0.39 11.51 -26.26
N GLN A 78 0.42 12.56 -26.16
CA GLN A 78 1.81 12.45 -25.72
C GLN A 78 1.82 12.78 -24.23
N VAL A 79 1.71 11.73 -23.41
CA VAL A 79 1.64 11.88 -21.97
C VAL A 79 3.03 11.73 -21.37
N THR A 80 3.45 12.73 -20.61
CA THR A 80 4.68 12.65 -19.83
C THR A 80 4.34 12.28 -18.39
N CYS A 81 5.28 11.62 -17.72
CA CYS A 81 5.04 11.13 -16.37
C CYS A 81 6.35 11.23 -15.59
N TYR A 82 6.42 12.23 -14.71
CA TYR A 82 7.58 12.42 -13.82
C TYR A 82 7.24 11.80 -12.48
N LEU A 83 7.86 10.67 -12.17
CA LEU A 83 7.59 9.94 -10.95
C LEU A 83 8.83 9.88 -10.07
N THR A 84 8.60 9.92 -8.75
CA THR A 84 9.70 9.95 -7.80
C THR A 84 10.51 8.65 -7.84
N TRP A 85 9.87 7.54 -7.53
CA TRP A 85 10.53 6.24 -7.46
C TRP A 85 10.12 5.40 -8.67
N SER A 86 11.12 4.84 -9.36
CA SER A 86 10.95 4.07 -10.57
C SER A 86 9.92 2.96 -10.36
N PRO A 87 9.11 2.64 -11.37
CA PRO A 87 8.08 1.60 -11.18
C PRO A 87 8.71 0.23 -11.03
N CYS A 88 7.98 -0.66 -10.35
CA CYS A 88 8.48 -1.99 -10.08
C CYS A 88 8.25 -2.88 -11.30
N SER A 89 8.43 -4.19 -11.12
CA SER A 89 8.37 -5.11 -12.26
C SER A 89 6.94 -5.29 -12.74
N SER A 90 6.03 -5.70 -11.86
CA SER A 90 4.71 -6.13 -12.28
C SER A 90 3.88 -4.96 -12.83
N CYS A 91 3.91 -3.81 -12.16
CA CYS A 91 3.13 -2.68 -12.64
C CYS A 91 3.71 -2.12 -13.94
N ALA A 92 5.00 -2.30 -14.19
CA ALA A 92 5.56 -1.92 -15.48
C ALA A 92 4.96 -2.78 -16.59
N TRP A 93 4.74 -4.06 -16.32
CA TRP A 93 4.11 -4.93 -17.31
C TRP A 93 2.63 -4.60 -17.47
N GLU A 94 1.94 -4.26 -16.38
CA GLU A 94 0.58 -3.76 -16.50
C GLU A 94 0.55 -2.49 -17.35
N LEU A 95 1.54 -1.61 -17.18
CA LEU A 95 1.63 -0.38 -17.94
C LEU A 95 1.81 -0.68 -19.43
N VAL A 96 2.73 -1.58 -19.76
CA VAL A 96 2.99 -1.87 -21.17
C VAL A 96 1.82 -2.61 -21.80
N ASP A 97 1.10 -3.42 -21.01
CA ASP A 97 -0.09 -4.08 -21.54
C ASP A 97 -1.23 -3.09 -21.76
N PHE A 98 -1.34 -2.08 -20.90
CA PHE A 98 -2.33 -1.03 -21.11
C PHE A 98 -1.94 -0.11 -22.27
N ILE A 99 -0.63 0.01 -22.54
CA ILE A 99 -0.19 0.84 -23.65
C ILE A 99 -0.31 0.10 -24.98
N LYS A 100 -0.20 -1.23 -24.98
CA LYS A 100 -0.36 -1.99 -26.21
C LYS A 100 -1.80 -1.97 -26.69
N ALA A 101 -2.76 -1.80 -25.79
CA ALA A 101 -4.16 -1.76 -26.16
C ALA A 101 -4.62 -0.39 -26.64
N HIS A 102 -3.81 0.65 -26.45
CA HIS A 102 -4.12 2.00 -26.89
C HIS A 102 -2.96 2.48 -27.76
N ASP A 103 -3.11 2.31 -29.08
CA ASP A 103 -2.07 2.76 -30.00
C ASP A 103 -2.05 4.29 -30.15
N HIS A 104 -3.12 4.96 -29.74
CA HIS A 104 -3.19 6.41 -29.79
C HIS A 104 -2.53 7.08 -28.58
N LEU A 105 -1.79 6.32 -27.78
CA LEU A 105 -1.10 6.83 -26.61
C LEU A 105 0.40 6.67 -26.78
N ASN A 106 1.16 7.71 -26.47
CA ASN A 106 2.62 7.65 -26.44
C ASN A 106 3.06 8.25 -25.12
N LEU A 107 3.81 7.48 -24.33
CA LEU A 107 4.13 7.85 -22.96
C LEU A 107 5.64 8.00 -22.80
N ARG A 108 6.04 9.03 -22.05
CA ARG A 108 7.41 9.22 -21.62
C ARG A 108 7.46 9.09 -20.11
N ILE A 109 8.41 8.29 -19.62
CA ILE A 109 8.56 8.01 -18.20
C ILE A 109 9.89 8.59 -17.74
N PHE A 110 9.84 9.51 -16.78
CA PHE A 110 11.04 10.10 -16.20
C PHE A 110 10.98 9.93 -14.69
N ALA A 111 11.89 9.12 -14.15
CA ALA A 111 11.95 8.85 -12.73
C ALA A 111 13.00 9.72 -12.06
N SER A 112 12.86 9.87 -10.74
CA SER A 112 13.83 10.60 -9.94
C SER A 112 14.90 9.67 -9.38
N ARG A 113 14.49 8.55 -8.79
CA ARG A 113 15.41 7.55 -8.28
C ARG A 113 15.05 6.19 -8.85
N LEU A 114 16.07 5.37 -9.10
CA LEU A 114 15.88 4.01 -9.58
C LEU A 114 15.51 3.13 -8.39
N TYR A 115 14.23 3.16 -8.04
CA TYR A 115 13.71 2.36 -6.94
C TYR A 115 13.44 0.95 -7.42
N TYR A 116 14.09 -0.02 -6.77
CA TYR A 116 13.80 -1.44 -7.00
C TYR A 116 14.39 -2.22 -5.84
N HIS A 117 14.10 -3.52 -5.83
CA HIS A 117 14.60 -4.38 -4.77
C HIS A 117 15.99 -4.92 -5.08
N TRP A 118 16.68 -4.35 -6.07
CA TRP A 118 18.05 -4.67 -6.41
C TRP A 118 18.24 -6.14 -6.78
N CYS A 119 17.14 -6.82 -7.09
CA CYS A 119 17.15 -8.17 -7.61
C CYS A 119 17.00 -8.14 -9.12
N LYS A 120 16.79 -9.30 -9.71
CA LYS A 120 16.70 -9.49 -11.17
C LYS A 120 15.38 -9.04 -11.80
N PRO A 121 14.21 -9.29 -11.19
CA PRO A 121 12.96 -9.00 -11.91
C PRO A 121 12.77 -7.54 -12.27
N GLN A 122 13.06 -6.61 -11.35
CA GLN A 122 12.89 -5.20 -11.65
C GLN A 122 14.01 -4.63 -12.51
N GLN A 123 14.94 -5.46 -12.97
CA GLN A 123 15.95 -5.01 -13.92
C GLN A 123 15.40 -4.97 -15.33
N ASP A 124 14.94 -6.13 -15.83
CA ASP A 124 14.29 -6.20 -17.13
C ASP A 124 12.84 -5.76 -17.09
N GLY A 125 12.27 -5.55 -15.89
CA GLY A 125 10.90 -5.07 -15.81
C GLY A 125 10.73 -3.69 -16.41
N LEU A 126 11.78 -2.87 -16.40
CA LEU A 126 11.78 -1.56 -17.02
C LEU A 126 12.70 -1.49 -18.23
N ARG A 127 13.36 -2.59 -18.59
CA ARG A 127 14.16 -2.62 -19.81
C ARG A 127 13.29 -2.84 -21.04
N LEU A 128 12.14 -3.49 -20.88
CA LEU A 128 11.21 -3.66 -22.00
C LEU A 128 10.56 -2.34 -22.38
N LEU A 129 10.32 -1.47 -21.40
CA LEU A 129 9.71 -0.17 -21.69
C LEU A 129 10.60 0.66 -22.60
N CYS A 130 11.85 0.90 -22.19
CA CYS A 130 12.79 1.70 -22.96
C CYS A 130 13.21 1.04 -24.26
N GLY A 131 12.73 -0.16 -24.55
CA GLY A 131 13.09 -0.83 -25.78
C GLY A 131 11.91 -1.14 -26.69
N SER A 132 10.70 -1.06 -26.16
CA SER A 132 9.50 -1.40 -26.94
C SER A 132 8.58 -0.20 -27.16
N GLN A 133 8.12 0.46 -26.11
CA GLN A 133 7.12 1.51 -26.31
C GLN A 133 7.46 2.83 -25.65
N VAL A 134 8.03 2.81 -24.45
CA VAL A 134 8.16 4.02 -23.65
C VAL A 134 9.63 4.37 -23.41
N PRO A 135 10.11 5.49 -23.95
CA PRO A 135 11.50 5.88 -23.66
C PRO A 135 11.66 6.28 -22.20
N VAL A 136 12.33 5.43 -21.43
CA VAL A 136 12.44 5.58 -19.98
C VAL A 136 13.86 6.03 -19.65
N GLU A 137 13.99 7.25 -19.12
CA GLU A 137 15.24 7.74 -18.59
C GLU A 137 14.97 8.42 -17.26
N VAL A 138 16.02 8.55 -16.45
CA VAL A 138 15.87 9.19 -15.14
C VAL A 138 15.86 10.70 -15.33
N MET A 139 15.36 11.39 -14.31
CA MET A 139 15.21 12.83 -14.40
C MET A 139 16.57 13.52 -14.46
N GLY A 140 16.56 14.73 -15.03
CA GLY A 140 17.73 15.58 -15.05
C GLY A 140 17.41 16.93 -14.45
N PHE A 141 17.87 18.01 -15.09
CA PHE A 141 17.53 19.34 -14.63
C PHE A 141 16.13 19.77 -15.10
N PRO A 142 15.80 19.71 -16.41
CA PRO A 142 14.51 20.25 -16.85
C PRO A 142 13.29 19.50 -16.30
N GLU A 143 13.29 18.17 -16.37
CA GLU A 143 12.12 17.43 -15.92
C GLU A 143 11.85 17.63 -14.44
N PHE A 144 12.88 17.81 -13.63
CA PHE A 144 12.67 18.28 -12.26
C PHE A 144 12.09 19.69 -12.25
N ALA A 145 12.74 20.61 -12.96
CA ALA A 145 12.24 21.98 -13.03
C ALA A 145 10.85 22.03 -13.64
N ASP A 146 10.56 21.15 -14.59
CA ASP A 146 9.20 21.04 -15.14
C ASP A 146 8.23 20.59 -14.06
N CYS A 147 8.50 19.43 -13.44
CA CYS A 147 7.63 18.91 -12.40
C CYS A 147 7.57 19.80 -11.17
N TRP A 148 8.59 20.63 -10.97
CA TRP A 148 8.65 21.49 -9.78
C TRP A 148 7.49 22.48 -9.75
N GLU A 149 7.43 23.36 -10.76
CA GLU A 149 6.40 24.39 -10.76
C GLU A 149 5.07 23.89 -11.33
N ASN A 150 5.10 22.89 -12.21
CA ASN A 150 3.85 22.38 -12.79
C ASN A 150 3.00 21.67 -11.75
N PHE A 151 3.52 20.59 -11.17
CA PHE A 151 2.72 19.77 -10.26
C PHE A 151 2.72 20.35 -8.85
N VAL A 152 3.90 20.55 -8.27
CA VAL A 152 3.98 21.16 -6.94
C VAL A 152 3.59 22.62 -7.05
N ASP A 153 2.66 23.05 -6.19
CA ASP A 153 2.14 24.40 -6.25
C ASP A 153 3.24 25.42 -5.99
N HIS A 154 3.42 26.34 -6.94
CA HIS A 154 4.43 27.39 -6.86
C HIS A 154 3.84 28.72 -6.43
N GLU A 155 2.87 28.68 -5.51
CA GLU A 155 2.09 29.85 -5.15
C GLU A 155 2.91 30.75 -4.21
N LYS A 156 2.23 31.72 -3.59
CA LYS A 156 2.81 32.80 -2.80
C LYS A 156 3.90 32.34 -1.83
N PRO A 157 3.64 31.38 -0.92
CA PRO A 157 4.66 31.02 0.06
C PRO A 157 5.75 30.15 -0.55
N LEU A 158 6.84 30.01 0.21
CA LEU A 158 7.97 29.19 -0.21
C LEU A 158 8.57 28.55 1.03
N SER A 159 8.54 27.21 1.09
CA SER A 159 9.00 26.48 2.26
C SER A 159 10.51 26.22 2.18
N PHE A 160 11.26 27.33 2.18
CA PHE A 160 12.72 27.36 2.24
C PHE A 160 13.35 26.25 1.38
N ASN A 161 12.91 26.17 0.13
CA ASN A 161 13.52 25.28 -0.87
C ASN A 161 13.56 26.00 -2.22
N PRO A 162 14.21 27.17 -2.29
CA PRO A 162 14.23 27.92 -3.56
C PRO A 162 15.09 27.25 -4.62
N TYR A 163 16.34 26.95 -4.28
CA TYR A 163 17.26 26.33 -5.25
C TYR A 163 18.14 25.27 -4.59
N LYS A 164 17.83 24.84 -3.37
CA LYS A 164 18.60 23.76 -2.75
C LYS A 164 18.58 22.50 -3.61
N MET A 165 17.49 22.28 -4.36
CA MET A 165 17.43 21.13 -5.25
C MET A 165 18.48 21.21 -6.35
N LEU A 166 18.83 22.42 -6.78
CA LEU A 166 19.76 22.60 -7.91
C LEU A 166 21.03 21.76 -7.75
N GLU A 167 21.58 21.73 -6.54
CA GLU A 167 22.74 20.88 -6.30
C GLU A 167 22.35 19.42 -6.09
N GLU A 168 21.21 19.18 -5.43
CA GLU A 168 20.77 17.81 -5.21
C GLU A 168 20.21 17.20 -6.50
N LEU A 169 19.45 17.99 -7.26
CA LEU A 169 19.04 17.55 -8.60
C LEU A 169 20.25 17.21 -9.45
N ASP A 170 21.32 17.98 -9.33
CA ASP A 170 22.51 17.74 -10.14
C ASP A 170 23.24 16.48 -9.69
N LYS A 171 23.35 16.27 -8.37
CA LYS A 171 23.93 15.02 -7.87
C LYS A 171 23.13 13.81 -8.35
N ASN A 172 21.80 13.85 -8.17
CA ASN A 172 20.94 12.75 -8.58
C ASN A 172 21.08 12.49 -10.08
N SER A 173 21.07 13.56 -10.89
CA SER A 173 21.29 13.39 -12.33
C SER A 173 22.62 12.70 -12.58
N ARG A 174 23.72 13.38 -12.22
CA ARG A 174 25.08 12.90 -12.43
C ARG A 174 25.25 11.43 -12.09
N ALA A 175 24.68 10.98 -10.97
CA ALA A 175 24.86 9.58 -10.58
C ALA A 175 23.84 8.66 -11.26
N ILE A 176 22.55 8.87 -10.99
CA ILE A 176 21.56 7.89 -11.37
C ILE A 176 21.25 7.91 -12.86
N LYS A 177 21.51 9.01 -13.57
CA LYS A 177 21.32 9.01 -15.02
C LYS A 177 22.37 8.16 -15.71
N ARG A 178 23.63 8.25 -15.26
CA ARG A 178 24.66 7.34 -15.76
C ARG A 178 24.33 5.91 -15.38
N ARG A 179 23.81 5.69 -14.17
CA ARG A 179 23.38 4.36 -13.76
C ARG A 179 22.31 3.81 -14.72
N LEU A 180 21.28 4.62 -14.99
CA LEU A 180 20.20 4.18 -15.86
C LEU A 180 20.67 3.99 -17.30
N ASP A 181 21.62 4.80 -17.75
CA ASP A 181 22.16 4.60 -19.09
C ASP A 181 22.94 3.29 -19.18
N ARG A 182 23.76 3.00 -18.17
CA ARG A 182 24.46 1.72 -18.15
C ARG A 182 23.48 0.55 -18.03
N ILE A 183 22.31 0.79 -17.43
CA ILE A 183 21.29 -0.26 -17.38
C ILE A 183 20.67 -0.47 -18.76
N LYS A 184 20.28 0.62 -19.41
CA LYS A 184 19.68 0.53 -20.75
C LYS A 184 20.66 -0.08 -21.75
N GLN A 185 21.95 0.16 -21.58
CA GLN A 185 22.95 -0.41 -22.47
C GLN A 185 23.19 -1.88 -22.16
N ASN D 32 25.45 31.29 -31.70
CA ASN D 32 24.92 31.78 -30.44
C ASN D 32 25.05 30.72 -29.35
N MET D 33 24.56 29.52 -29.64
CA MET D 33 24.63 28.43 -28.66
C MET D 33 26.05 27.96 -28.40
N ALA D 34 26.97 28.21 -29.33
CA ALA D 34 28.35 27.78 -29.14
C ALA D 34 29.12 28.68 -28.19
N ILE D 35 28.70 29.94 -28.04
CA ILE D 35 29.39 30.88 -27.17
C ILE D 35 28.59 31.05 -25.88
N ILE D 36 27.27 30.88 -25.96
CA ILE D 36 26.40 30.98 -24.80
C ILE D 36 26.13 29.55 -24.35
N LYS D 37 26.96 29.06 -23.43
CA LYS D 37 26.81 27.70 -22.93
C LYS D 37 25.58 27.61 -22.02
N GLU D 38 25.16 26.37 -21.74
CA GLU D 38 23.99 26.15 -20.91
C GLU D 38 24.21 26.54 -19.45
N PHE D 39 25.45 26.79 -19.04
CA PHE D 39 25.75 27.28 -17.69
C PHE D 39 26.73 28.44 -17.83
N MET D 40 26.33 29.61 -17.35
CA MET D 40 27.13 30.82 -17.48
C MET D 40 27.05 31.63 -16.19
N ARG D 41 28.15 32.29 -15.86
CA ARG D 41 28.25 33.17 -14.70
C ARG D 41 28.34 34.62 -15.16
N PHE D 42 28.12 35.53 -14.22
CA PHE D 42 28.22 36.96 -14.52
C PHE D 42 28.74 37.70 -13.30
N LYS D 43 29.28 38.89 -13.56
CA LYS D 43 29.72 39.82 -12.53
C LYS D 43 29.01 41.15 -12.75
N VAL D 44 28.55 41.76 -11.66
CA VAL D 44 27.75 42.98 -11.73
C VAL D 44 28.28 44.01 -10.76
N HIS D 45 28.37 45.26 -11.22
CA HIS D 45 28.80 46.40 -10.43
C HIS D 45 27.74 47.48 -10.56
N MET D 46 27.14 47.87 -9.44
CA MET D 46 26.09 48.88 -9.42
C MET D 46 26.51 50.04 -8.54
N GLU D 47 26.38 51.26 -9.08
CA GLU D 47 26.54 52.49 -8.32
C GLU D 47 25.18 53.16 -8.22
N GLY D 48 24.75 53.47 -7.00
CA GLY D 48 23.42 54.01 -6.80
C GLY D 48 23.41 55.13 -5.78
N SER D 49 22.33 55.89 -5.82
CA SER D 49 22.11 56.98 -4.86
C SER D 49 20.62 57.10 -4.63
N VAL D 50 20.17 56.78 -3.42
CA VAL D 50 18.76 56.82 -3.06
C VAL D 50 18.55 57.90 -2.01
N ASN D 51 17.76 58.91 -2.37
CA ASN D 51 17.46 60.04 -1.47
C ASN D 51 18.74 60.70 -0.96
N GLY D 52 19.75 60.79 -1.84
CA GLY D 52 21.02 61.38 -1.49
C GLY D 52 22.01 60.42 -0.85
N HIS D 53 21.59 59.25 -0.42
CA HIS D 53 22.49 58.26 0.18
C HIS D 53 23.13 57.45 -0.93
N GLU D 54 24.44 57.59 -1.09
CA GLU D 54 25.18 56.90 -2.13
C GLU D 54 25.68 55.54 -1.66
N PHE D 55 25.79 54.61 -2.59
CA PHE D 55 26.20 53.25 -2.27
C PHE D 55 26.67 52.55 -3.53
N GLU D 56 27.36 51.42 -3.32
CA GLU D 56 27.82 50.56 -4.40
C GLU D 56 27.58 49.11 -4.01
N ILE D 57 27.31 48.28 -5.02
CA ILE D 57 27.00 46.87 -4.82
C ILE D 57 27.78 46.04 -5.84
N GLU D 58 28.48 45.02 -5.36
CA GLU D 58 29.23 44.10 -6.20
C GLU D 58 28.63 42.71 -6.08
N GLY D 59 28.45 42.03 -7.21
CA GLY D 59 27.81 40.72 -7.16
C GLY D 59 28.32 39.77 -8.22
N GLU D 60 28.17 38.48 -7.93
CA GLU D 60 28.46 37.40 -8.85
C GLU D 60 27.28 36.44 -8.85
N GLY D 61 26.96 35.88 -10.01
CA GLY D 61 25.83 34.98 -10.15
C GLY D 61 26.13 33.85 -11.12
N GLU D 62 25.16 32.94 -11.22
CA GLU D 62 25.27 31.79 -12.10
C GLU D 62 23.87 31.25 -12.37
N GLY D 63 23.71 30.64 -13.54
CA GLY D 63 22.42 30.08 -13.88
C GLY D 63 22.45 29.41 -15.23
N ARG D 64 21.27 29.06 -15.72
CA ARG D 64 21.11 28.40 -17.01
C ARG D 64 20.21 29.24 -17.90
N PRO D 65 20.76 29.91 -18.92
CA PRO D 65 19.92 30.84 -19.70
C PRO D 65 18.83 30.17 -20.51
N TYR D 66 19.05 28.93 -20.97
CA TYR D 66 18.05 28.25 -21.78
C TYR D 66 16.97 27.56 -20.96
N GLU D 67 17.17 27.42 -19.65
CA GLU D 67 16.16 26.85 -18.77
C GLU D 67 15.47 27.89 -17.91
N GLY D 68 15.90 29.15 -17.96
CA GLY D 68 15.20 30.22 -17.29
C GLY D 68 15.36 30.27 -15.79
N THR D 69 16.46 29.74 -15.26
CA THR D 69 16.74 29.77 -13.84
C THR D 69 18.06 30.48 -13.59
N GLN D 70 18.11 31.32 -12.57
CA GLN D 70 19.36 31.98 -12.23
C GLN D 70 19.40 32.32 -10.75
N THR D 71 20.61 32.36 -10.19
CA THR D 71 20.85 32.77 -8.81
C THR D 71 21.98 33.80 -8.80
N ALA D 72 21.89 34.72 -7.85
CA ALA D 72 22.84 35.82 -7.75
C ALA D 72 23.17 36.11 -6.30
N LYS D 73 24.43 36.40 -6.02
CA LYS D 73 24.91 36.73 -4.68
C LYS D 73 25.45 38.16 -4.71
N LEU D 74 24.91 39.02 -3.84
CA LEU D 74 25.28 40.43 -3.84
C LEU D 74 25.96 40.80 -2.53
N LYS D 75 26.80 41.84 -2.59
CA LYS D 75 27.50 42.35 -1.42
C LYS D 75 27.52 43.87 -1.50
N VAL D 76 27.14 44.53 -0.41
CA VAL D 76 27.21 45.98 -0.33
C VAL D 76 28.63 46.39 0.03
N THR D 77 29.21 47.27 -0.78
CA THR D 77 30.58 47.72 -0.58
C THR D 77 30.69 49.12 0.00
N LYS D 78 29.65 49.94 -0.11
CA LYS D 78 29.67 51.30 0.41
C LYS D 78 28.33 51.62 1.03
N GLY D 79 28.36 52.35 2.15
CA GLY D 79 27.14 52.76 2.81
C GLY D 79 26.48 51.72 3.67
N GLY D 80 27.18 50.65 4.02
CA GLY D 80 26.61 49.59 4.84
C GLY D 80 26.78 49.83 6.32
N LEU D 82 22.06 49.37 3.94
CA LEU D 82 21.18 50.21 3.15
C LEU D 82 19.98 50.67 3.97
N PRO D 83 19.68 51.97 3.93
CA PRO D 83 18.57 52.52 4.71
C PRO D 83 17.21 52.39 4.04
N PHE D 84 17.08 51.58 2.99
CA PHE D 84 15.84 51.42 2.26
C PHE D 84 15.62 49.94 1.97
N ALA D 85 14.44 49.64 1.43
CA ALA D 85 14.09 48.25 1.15
C ALA D 85 14.90 47.71 -0.02
N TRP D 86 15.43 46.49 0.15
CA TRP D 86 16.19 45.85 -0.92
C TRP D 86 15.30 45.42 -2.09
N ASP D 87 14.01 45.25 -1.86
CA ASP D 87 13.12 44.74 -2.90
C ASP D 87 13.05 45.65 -4.12
N ILE D 88 13.37 46.94 -3.97
CA ILE D 88 13.37 47.84 -5.13
C ILE D 88 14.53 47.59 -6.07
N LEU D 89 15.54 46.83 -5.63
CA LEU D 89 16.69 46.53 -6.47
C LEU D 89 16.59 45.18 -7.17
N SER D 90 15.72 44.28 -6.70
CA SER D 90 15.60 42.94 -7.24
C SER D 90 15.09 42.90 -8.69
N PRO D 91 14.11 43.72 -9.09
CA PRO D 91 13.62 43.62 -10.48
C PRO D 91 14.61 44.11 -11.52
N GLN D 92 15.81 44.55 -11.13
CA GLN D 92 16.79 45.07 -12.06
C GLN D 92 17.77 44.01 -12.55
N PHE D 93 17.70 42.79 -12.03
CA PHE D 93 18.59 41.72 -12.45
C PHE D 93 17.92 40.81 -13.47
N LYS D 98 18.00 40.06 -17.21
CA LYS D 98 16.91 39.64 -18.09
C LYS D 98 17.41 38.73 -19.20
N ALA D 99 18.73 38.52 -19.24
CA ALA D 99 19.32 37.62 -20.22
C ALA D 99 19.11 36.15 -19.89
N TYR D 100 18.37 35.84 -18.83
CA TYR D 100 18.17 34.47 -18.37
C TYR D 100 16.69 34.08 -18.47
N VAL D 101 16.05 34.45 -19.57
CA VAL D 101 14.65 34.13 -19.82
C VAL D 101 14.57 32.96 -20.78
N LYS D 102 13.79 31.94 -20.41
CA LYS D 102 13.65 30.76 -21.25
C LYS D 102 12.78 31.07 -22.46
N HIS D 103 13.29 30.79 -23.65
CA HIS D 103 12.57 31.02 -24.89
C HIS D 103 12.42 29.70 -25.66
N PRO D 104 11.22 29.42 -26.19
CA PRO D 104 11.06 28.25 -27.05
C PRO D 104 11.96 28.32 -28.28
N ALA D 105 12.26 27.15 -28.84
CA ALA D 105 13.17 27.08 -29.97
C ALA D 105 12.62 27.79 -31.20
N ASP D 106 11.30 27.81 -31.36
CA ASP D 106 10.67 28.45 -32.51
C ASP D 106 10.32 29.91 -32.25
N ILE D 107 10.80 30.48 -31.16
CA ILE D 107 10.63 31.90 -30.85
C ILE D 107 12.02 32.52 -30.81
N PRO D 108 12.31 33.51 -31.65
CA PRO D 108 13.66 34.12 -31.65
C PRO D 108 13.98 34.74 -30.30
N ASP D 109 15.11 34.34 -29.74
CA ASP D 109 15.57 34.85 -28.43
C ASP D 109 16.29 36.17 -28.67
N TYR D 110 15.52 37.26 -28.66
CA TYR D 110 16.08 38.57 -28.96
C TYR D 110 17.22 38.94 -28.02
N LEU D 111 17.07 38.64 -26.73
CA LEU D 111 18.06 39.07 -25.75
C LEU D 111 19.34 38.23 -25.82
N LYS D 112 19.23 36.95 -26.15
CA LYS D 112 20.42 36.10 -26.25
C LYS D 112 21.26 36.48 -27.45
N LEU D 113 20.62 36.83 -28.57
CA LEU D 113 21.35 37.12 -29.79
C LEU D 113 22.17 38.41 -29.70
N SER D 114 21.90 39.26 -28.72
CA SER D 114 22.63 40.52 -28.59
C SER D 114 24.09 40.31 -28.21
N PHE D 115 24.42 39.18 -27.61
CA PHE D 115 25.79 38.87 -27.23
C PHE D 115 26.60 38.47 -28.46
N PRO D 116 27.94 38.60 -28.41
CA PRO D 116 28.79 39.03 -27.29
C PRO D 116 28.81 40.53 -27.03
N GLU D 117 28.22 41.32 -27.93
CA GLU D 117 28.22 42.77 -27.76
C GLU D 117 27.46 43.17 -26.49
N GLY D 118 26.33 42.53 -26.24
CA GLY D 118 25.50 42.87 -25.09
C GLY D 118 24.34 43.77 -25.47
N PHE D 119 23.82 44.47 -24.47
CA PHE D 119 22.70 45.37 -24.68
C PHE D 119 22.68 46.40 -23.55
N LYS D 120 21.72 47.31 -23.61
CA LYS D 120 21.48 48.28 -22.56
C LYS D 120 19.99 48.29 -22.22
N TRP D 121 19.68 48.77 -21.03
CA TRP D 121 18.28 48.98 -20.68
C TRP D 121 18.14 50.11 -19.68
N GLU D 122 17.05 50.86 -19.83
CA GLU D 122 16.74 52.00 -18.99
C GLU D 122 15.33 51.86 -18.44
N ARG D 123 15.18 52.01 -17.13
CA ARG D 123 13.93 51.74 -16.44
C ARG D 123 13.53 52.92 -15.56
N VAL D 124 12.24 53.24 -15.58
CA VAL D 124 11.66 54.27 -14.72
C VAL D 124 10.53 53.62 -13.92
N MET D 125 10.62 53.72 -12.60
CA MET D 125 9.62 53.16 -11.69
C MET D 125 9.03 54.31 -10.88
N ASN D 126 7.74 54.56 -11.07
CA ASN D 126 7.00 55.57 -10.33
C ASN D 126 6.12 54.86 -9.31
N PHE D 127 6.43 55.05 -8.03
CA PHE D 127 5.63 54.46 -6.96
C PHE D 127 4.44 55.36 -6.62
N GLU D 128 3.41 54.75 -6.04
CA GLU D 128 2.15 55.43 -5.84
C GLU D 128 2.22 56.57 -4.83
N ASP D 129 3.25 56.58 -3.97
CA ASP D 129 3.40 57.63 -2.96
C ASP D 129 4.41 58.69 -3.36
N GLY D 130 4.77 58.76 -4.64
CA GLY D 130 5.68 59.77 -5.14
C GLY D 130 7.11 59.31 -5.31
N GLY D 131 7.46 58.10 -4.89
CA GLY D 131 8.82 57.62 -5.06
C GLY D 131 9.15 57.39 -6.52
N VAL D 132 10.36 57.75 -6.90
CA VAL D 132 10.83 57.63 -8.28
C VAL D 132 12.17 56.92 -8.28
N VAL D 133 12.32 55.97 -9.20
CA VAL D 133 13.57 55.21 -9.35
C VAL D 133 13.93 55.18 -10.83
N THR D 134 15.11 55.71 -11.17
CA THR D 134 15.62 55.69 -12.53
C THR D 134 16.89 54.83 -12.58
N VAL D 135 16.89 53.84 -13.46
CA VAL D 135 17.99 52.88 -13.55
C VAL D 135 18.48 52.82 -14.99
N THR D 136 19.80 52.78 -15.16
CA THR D 136 20.42 52.51 -16.45
C THR D 136 21.38 51.34 -16.27
N GLN D 137 21.49 50.48 -17.28
CA GLN D 137 22.33 49.31 -17.14
C GLN D 137 22.88 48.89 -18.50
N ASP D 138 24.15 48.48 -18.49
CA ASP D 138 24.83 47.96 -19.67
C ASP D 138 25.31 46.55 -19.38
N SER D 139 25.04 45.63 -20.31
CA SER D 139 25.43 44.24 -20.18
C SER D 139 26.33 43.86 -21.35
N SER D 140 27.53 43.41 -21.04
CA SER D 140 28.49 43.03 -22.07
C SER D 140 29.06 41.64 -21.80
N PHE D 146 30.05 37.41 -17.96
CA PHE D 146 29.33 38.63 -18.33
C PHE D 146 29.66 39.76 -17.35
N ILE D 147 29.63 40.99 -17.85
CA ILE D 147 29.93 42.18 -17.07
C ILE D 147 28.72 43.12 -17.15
N TYR D 148 28.16 43.44 -15.99
CA TYR D 148 27.02 44.33 -15.89
C TYR D 148 27.44 45.60 -15.15
N LYS D 149 27.08 46.76 -15.71
CA LYS D 149 27.34 48.05 -15.08
C LYS D 149 26.02 48.78 -14.91
N VAL D 150 25.67 49.09 -13.67
CA VAL D 150 24.38 49.66 -13.33
C VAL D 150 24.57 51.02 -12.66
N LYS D 151 23.71 51.97 -13.00
CA LYS D 151 23.66 53.28 -12.36
C LYS D 151 22.23 53.56 -11.96
N LEU D 152 22.02 53.81 -10.66
CA LEU D 152 20.67 53.89 -10.10
C LEU D 152 20.50 55.18 -9.30
N ARG D 153 19.33 55.81 -9.45
CA ARG D 153 19.02 57.05 -8.75
C ARG D 153 17.59 56.97 -8.25
N GLY D 154 17.41 56.95 -6.92
CA GLY D 154 16.09 56.95 -6.32
C GLY D 154 15.87 58.23 -5.53
N THR D 155 14.71 58.85 -5.78
CA THR D 155 14.40 60.14 -5.18
C THR D 155 12.94 60.20 -4.78
N ASN D 156 12.64 61.13 -3.87
CA ASN D 156 11.27 61.49 -3.48
C ASN D 156 10.54 60.33 -2.82
N PHE D 157 11.26 59.53 -2.04
CA PHE D 157 10.58 58.50 -1.26
C PHE D 157 10.14 59.08 0.07
N PRO D 158 8.86 58.95 0.43
CA PRO D 158 8.39 59.49 1.72
C PRO D 158 9.08 58.80 2.89
N SER D 159 9.41 59.59 3.91
CA SER D 159 10.08 59.05 5.09
C SER D 159 9.18 58.08 5.85
N ASP D 160 7.86 58.24 5.75
CA ASP D 160 6.92 57.36 6.41
C ASP D 160 6.28 56.36 5.46
N GLY D 161 6.76 56.28 4.22
CA GLY D 161 6.24 55.34 3.25
C GLY D 161 6.76 53.94 3.47
N PRO D 162 6.13 52.98 2.80
CA PRO D 162 6.53 51.57 2.99
C PRO D 162 7.93 51.26 2.49
N VAL D 163 8.49 52.07 1.59
CA VAL D 163 9.84 51.81 1.09
C VAL D 163 10.87 52.18 2.15
N MET D 164 10.82 53.42 2.64
CA MET D 164 11.80 53.85 3.63
C MET D 164 11.56 53.24 5.01
N GLN D 165 10.32 52.83 5.32
CA GLN D 165 10.01 52.18 6.58
C GLN D 165 10.11 50.66 6.51
N LYS D 166 10.38 50.11 5.33
CA LYS D 166 10.59 48.67 5.14
C LYS D 166 9.36 47.87 5.59
N LYS D 167 8.20 48.26 5.07
CA LYS D 167 6.95 47.56 5.35
C LYS D 167 6.53 46.64 4.20
N THR D 168 7.47 46.26 3.34
CA THR D 168 7.19 45.44 2.17
C THR D 168 7.46 43.97 2.47
N MET D 169 6.80 43.11 1.69
CA MET D 169 6.89 41.67 1.88
C MET D 169 7.15 40.94 0.57
N GLY D 170 7.91 41.56 -0.32
CA GLY D 170 8.23 40.94 -1.61
C GLY D 170 7.20 41.27 -2.68
N TRP D 171 7.63 41.11 -3.93
CA TRP D 171 6.78 41.44 -5.06
C TRP D 171 5.84 40.29 -5.41
N GLU D 172 4.62 40.64 -5.78
CA GLU D 172 3.68 39.65 -6.30
C GLU D 172 4.08 39.25 -7.72
N ALA D 173 3.52 38.14 -8.19
CA ALA D 173 3.72 37.72 -9.56
C ALA D 173 3.10 38.74 -10.51
N SER D 174 3.85 39.09 -11.55
CA SER D 174 3.41 40.12 -12.50
C SER D 174 3.75 39.67 -13.91
N SER D 175 2.72 39.59 -14.75
CA SER D 175 2.89 39.22 -16.16
C SER D 175 3.19 40.48 -16.96
N GLU D 176 4.40 40.58 -17.48
CA GLU D 176 4.83 41.72 -18.29
C GLU D 176 4.63 41.39 -19.76
N ARG D 177 3.79 42.18 -20.43
CA ARG D 177 3.51 41.97 -21.84
C ARG D 177 4.49 42.79 -22.68
N MET D 178 5.20 42.12 -23.57
CA MET D 178 6.20 42.76 -24.42
C MET D 178 5.67 42.90 -25.83
N TYR D 179 6.06 44.00 -26.49
CA TYR D 179 5.64 44.26 -27.86
C TYR D 179 6.61 45.24 -28.54
N ALA D 184 13.51 49.45 -30.44
CA ALA D 184 13.86 48.77 -29.20
C ALA D 184 12.66 48.01 -28.64
N LEU D 185 12.86 47.32 -27.52
CA LEU D 185 11.82 46.55 -26.87
C LEU D 185 11.31 47.32 -25.65
N LYS D 186 10.00 47.45 -25.55
CA LYS D 186 9.37 48.19 -24.46
C LYS D 186 8.61 47.24 -23.54
N GLY D 187 8.62 47.55 -22.24
CA GLY D 187 7.86 46.77 -21.28
C GLY D 187 7.24 47.63 -20.20
N GLU D 188 5.95 47.44 -19.94
CA GLU D 188 5.23 48.19 -18.92
C GLU D 188 4.62 47.22 -17.92
N ILE D 189 4.78 47.54 -16.64
CA ILE D 189 4.35 46.67 -15.54
C ILE D 189 3.54 47.50 -14.56
N LYS D 190 2.39 46.95 -14.15
CA LYS D 190 1.63 47.47 -13.00
C LYS D 190 1.97 46.57 -11.82
N GLN D 191 3.12 46.84 -11.20
CA GLN D 191 3.66 45.95 -10.19
C GLN D 191 3.03 46.23 -8.83
N ARG D 192 2.86 45.15 -8.05
CA ARG D 192 2.23 45.23 -6.74
C ARG D 192 3.19 44.69 -5.69
N LEU D 193 3.42 45.50 -4.65
CA LEU D 193 4.32 45.15 -3.56
C LEU D 193 3.50 44.78 -2.34
N LYS D 194 3.73 43.59 -1.79
CA LYS D 194 2.97 43.12 -0.65
C LYS D 194 3.32 43.91 0.60
N LEU D 195 2.30 44.20 1.41
CA LEU D 195 2.45 44.92 2.66
C LEU D 195 2.30 43.96 3.84
N LYS D 196 3.00 44.28 4.93
CA LYS D 196 2.94 43.43 6.11
C LYS D 196 1.56 43.44 6.74
N ASP D 197 0.92 44.60 6.80
CA ASP D 197 -0.39 44.74 7.42
C ASP D 197 -1.54 44.50 6.45
N GLY D 198 -1.26 44.02 5.26
CA GLY D 198 -2.29 43.73 4.28
C GLY D 198 -2.31 44.77 3.17
N GLY D 199 -2.98 44.39 2.08
CA GLY D 199 -3.07 45.25 0.92
C GLY D 199 -1.86 45.12 0.01
N HIS D 200 -1.75 46.09 -0.90
CA HIS D 200 -0.66 46.11 -1.86
C HIS D 200 -0.13 47.53 -2.02
N TYR D 201 1.12 47.61 -2.46
CA TYR D 201 1.80 48.87 -2.71
C TYR D 201 2.15 48.90 -4.20
N ASP D 202 1.41 49.68 -4.97
CA ASP D 202 1.46 49.61 -6.43
C ASP D 202 2.49 50.58 -7.00
N ALA D 203 3.03 50.21 -8.15
CA ALA D 203 4.01 51.02 -8.86
C ALA D 203 3.86 50.80 -10.36
N GLU D 204 4.14 51.85 -11.13
CA GLU D 204 4.16 51.78 -12.59
C GLU D 204 5.60 51.74 -13.06
N VAL D 205 5.96 50.68 -13.78
CA VAL D 205 7.32 50.46 -14.24
C VAL D 205 7.33 50.47 -15.75
N LYS D 206 8.29 51.18 -16.34
CA LYS D 206 8.47 51.23 -17.78
C LYS D 206 9.94 51.05 -18.10
N THR D 207 10.25 50.04 -18.91
CA THR D 207 11.64 49.69 -19.22
C THR D 207 11.83 49.58 -20.72
N THR D 208 12.97 50.08 -21.19
CA THR D 208 13.37 49.99 -22.59
C THR D 208 14.66 49.17 -22.67
N TYR D 209 14.62 48.09 -23.44
CA TYR D 209 15.76 47.23 -23.69
C TYR D 209 16.20 47.39 -25.14
N LYS D 210 17.46 47.72 -25.35
CA LYS D 210 18.00 47.97 -26.69
C LYS D 210 19.27 47.17 -26.87
N ALA D 211 19.28 46.28 -27.87
CA ALA D 211 20.46 45.50 -28.18
C ALA D 211 21.48 46.33 -28.94
N LYS D 212 22.76 46.02 -28.74
CA LYS D 212 23.82 46.71 -29.44
C LYS D 212 23.95 46.27 -30.89
N LYS D 213 23.33 45.15 -31.27
CA LYS D 213 23.39 44.61 -32.62
C LYS D 213 21.98 44.33 -33.11
N PRO D 214 21.63 44.75 -34.32
CA PRO D 214 20.26 44.51 -34.81
C PRO D 214 20.04 43.05 -35.13
N VAL D 215 18.99 42.48 -34.55
CA VAL D 215 18.58 41.10 -34.81
C VAL D 215 17.07 41.09 -35.05
N GLN D 216 16.57 39.92 -35.44
CA GLN D 216 15.16 39.79 -35.80
C GLN D 216 14.28 39.99 -34.57
N LEU D 217 13.28 40.86 -34.69
CA LEU D 217 12.35 41.11 -33.60
C LEU D 217 11.23 40.06 -33.62
N PRO D 218 10.79 39.60 -32.46
CA PRO D 218 9.71 38.59 -32.42
C PRO D 218 8.33 39.23 -32.47
N GLY D 219 7.29 38.40 -32.42
CA GLY D 219 5.92 38.87 -32.38
C GLY D 219 5.48 39.20 -30.97
N ALA D 220 4.16 39.22 -30.78
CA ALA D 220 3.59 39.49 -29.47
C ALA D 220 3.73 38.28 -28.56
N TYR D 221 4.11 38.53 -27.32
CA TYR D 221 4.29 37.47 -26.33
C TYR D 221 4.29 38.07 -24.94
N ASN D 222 4.08 37.22 -23.94
CA ASN D 222 4.06 37.64 -22.55
C ASN D 222 4.91 36.69 -21.72
N VAL D 223 5.73 37.26 -20.83
CA VAL D 223 6.70 36.50 -20.05
C VAL D 223 6.20 36.40 -18.61
N ASN D 224 6.10 35.18 -18.10
CA ASN D 224 5.81 34.94 -16.70
C ASN D 224 7.14 34.86 -15.93
N ILE D 225 7.27 35.70 -14.92
CA ILE D 225 8.50 35.84 -14.15
C ILE D 225 8.18 35.70 -12.67
N LYS D 226 9.03 34.96 -11.95
CA LYS D 226 8.93 34.85 -10.51
C LYS D 226 10.32 34.98 -9.90
N LEU D 227 10.46 35.92 -8.98
CA LEU D 227 11.71 36.19 -8.29
C LEU D 227 11.54 35.89 -6.81
N ASP D 228 12.60 35.36 -6.18
CA ASP D 228 12.58 34.97 -4.79
C ASP D 228 13.87 35.40 -4.12
N ILE D 229 13.76 35.87 -2.87
CA ILE D 229 14.92 36.15 -2.04
C ILE D 229 15.23 34.89 -1.24
N THR D 230 16.34 34.23 -1.56
CA THR D 230 16.61 32.93 -0.97
C THR D 230 17.27 33.04 0.41
N SER D 231 18.03 34.10 0.64
CA SER D 231 18.71 34.28 1.91
C SER D 231 19.13 35.74 2.05
N HIS D 232 19.14 36.21 3.30
CA HIS D 232 19.54 37.57 3.61
C HIS D 232 19.79 37.67 5.10
N ASN D 233 20.70 38.56 5.49
CA ASN D 233 20.97 38.81 6.90
C ASN D 233 19.96 39.83 7.42
N GLU D 234 20.17 40.30 8.66
CA GLU D 234 19.19 41.18 9.28
C GLU D 234 19.14 42.54 8.61
N ASP D 235 20.29 43.06 8.17
CA ASP D 235 20.36 44.38 7.56
C ASP D 235 20.42 44.33 6.04
N TYR D 236 20.17 43.17 5.43
CA TYR D 236 20.11 43.02 3.97
C TYR D 236 21.40 43.48 3.30
N THR D 237 22.54 43.16 3.92
CA THR D 237 23.83 43.46 3.32
C THR D 237 24.40 42.29 2.51
N ILE D 238 23.90 41.08 2.73
CA ILE D 238 24.29 39.90 1.96
C ILE D 238 23.01 39.22 1.52
N VAL D 239 22.75 39.25 0.21
CA VAL D 239 21.48 38.80 -0.35
C VAL D 239 21.73 37.85 -1.50
N GLU D 240 21.02 36.73 -1.51
CA GLU D 240 21.00 35.81 -2.64
C GLU D 240 19.60 35.79 -3.25
N GLN D 241 19.54 35.82 -4.57
CA GLN D 241 18.29 35.92 -5.30
C GLN D 241 18.19 34.78 -6.32
N TYR D 242 16.95 34.35 -6.57
CA TYR D 242 16.64 33.30 -7.53
C TYR D 242 15.55 33.81 -8.47
N GLU D 243 15.69 33.49 -9.75
CA GLU D 243 14.77 33.99 -10.76
C GLU D 243 14.39 32.89 -11.73
N ARG D 244 13.09 32.80 -12.03
CA ARG D 244 12.54 31.93 -13.06
C ARG D 244 11.76 32.80 -14.04
N ALA D 245 11.97 32.57 -15.34
CA ALA D 245 11.29 33.36 -16.35
C ALA D 245 11.01 32.49 -17.57
N GLU D 246 9.77 32.54 -18.07
CA GLU D 246 9.38 31.74 -19.22
C GLU D 246 8.41 32.52 -20.09
N GLY D 247 8.66 32.55 -21.39
CA GLY D 247 7.79 33.25 -22.32
C GLY D 247 6.66 32.38 -22.84
N ARG D 248 5.55 33.03 -23.18
CA ARG D 248 4.36 32.35 -23.68
C ARG D 248 3.74 33.21 -24.78
N HIS D 249 2.95 32.56 -25.63
CA HIS D 249 2.23 33.26 -26.69
C HIS D 249 1.09 34.07 -26.10
N SER D 250 0.83 35.22 -26.73
CA SER D 250 -0.27 36.08 -26.31
C SER D 250 -1.53 35.79 -27.13
N LEU E 6 -5.35 -13.06 15.75
CA LEU E 6 -6.27 -11.99 16.12
C LEU E 6 -7.06 -11.50 14.90
N LEU E 7 -7.82 -12.41 14.30
CA LEU E 7 -8.63 -12.12 13.13
C LEU E 7 -10.10 -12.33 13.44
N THR E 8 -10.96 -11.88 12.53
CA THR E 8 -12.40 -12.02 12.66
C THR E 8 -12.88 -13.16 11.78
N ALA E 9 -13.90 -13.88 12.26
CA ALA E 9 -14.42 -15.02 11.52
C ALA E 9 -14.99 -14.59 10.16
N GLU E 10 -15.62 -13.41 10.12
CA GLU E 10 -16.10 -12.89 8.85
C GLU E 10 -14.96 -12.53 7.91
N THR E 11 -13.95 -11.82 8.44
CA THR E 11 -12.81 -11.41 7.63
C THR E 11 -12.10 -12.61 7.00
N PHE E 12 -12.16 -13.77 7.65
CA PHE E 12 -11.57 -14.99 7.08
C PHE E 12 -12.12 -15.26 5.69
N ARG E 13 -13.45 -15.44 5.59
CA ARG E 13 -14.05 -15.67 4.28
C ARG E 13 -14.07 -14.43 3.41
N LEU E 14 -13.98 -13.24 4.00
CA LEU E 14 -13.96 -12.03 3.19
C LEU E 14 -12.63 -11.85 2.47
N GLN E 15 -11.55 -12.41 3.01
CA GLN E 15 -10.21 -12.26 2.41
C GLN E 15 -9.61 -13.57 1.92
N PHE E 16 -9.89 -14.70 2.56
CA PHE E 16 -9.33 -15.97 2.12
C PHE E 16 -10.18 -16.63 1.05
N ASN E 17 -11.50 -16.58 1.18
CA ASN E 17 -12.38 -17.17 0.17
C ASN E 17 -12.39 -16.28 -1.07
N ASN E 18 -11.90 -16.83 -2.18
CA ASN E 18 -11.83 -16.10 -3.44
C ASN E 18 -12.10 -17.07 -4.58
N LYS E 19 -13.27 -16.93 -5.19
CA LYS E 19 -13.70 -17.79 -6.28
C LYS E 19 -13.28 -17.20 -7.63
N ARG E 20 -13.47 -17.99 -8.69
CA ARG E 20 -13.22 -17.49 -10.04
C ARG E 20 -14.14 -16.32 -10.35
N ARG E 21 -15.44 -16.48 -10.09
CA ARG E 21 -16.40 -15.39 -10.13
C ARG E 21 -16.81 -15.09 -8.69
N LEU E 22 -16.49 -13.88 -8.24
CA LEU E 22 -16.58 -13.57 -6.81
C LEU E 22 -18.04 -13.31 -6.43
N ARG E 23 -18.24 -12.79 -5.22
CA ARG E 23 -19.58 -12.69 -4.65
C ARG E 23 -20.31 -11.47 -5.23
N ARG E 24 -21.44 -11.12 -4.62
CA ARG E 24 -22.26 -10.03 -5.15
C ARG E 24 -21.61 -8.67 -4.97
N PRO E 25 -21.03 -8.31 -3.81
CA PRO E 25 -20.23 -7.08 -3.76
C PRO E 25 -19.00 -7.21 -4.64
N TYR E 26 -18.65 -6.10 -5.29
CA TYR E 26 -17.63 -6.10 -6.33
C TYR E 26 -16.28 -5.67 -5.76
N TYR E 27 -15.27 -6.50 -5.99
CA TYR E 27 -13.87 -6.39 -5.58
C TYR E 27 -13.63 -5.86 -4.16
N PRO E 28 -14.29 -6.41 -3.12
CA PRO E 28 -13.92 -6.03 -1.74
C PRO E 28 -12.89 -6.97 -1.14
N ARG E 29 -11.66 -6.93 -1.66
CA ARG E 29 -10.62 -7.89 -1.27
C ARG E 29 -9.31 -7.18 -0.99
N LYS E 30 -8.62 -7.63 0.06
CA LYS E 30 -7.28 -7.17 0.40
C LYS E 30 -6.38 -8.38 0.62
N ALA E 31 -5.09 -8.12 0.77
CA ALA E 31 -4.08 -9.17 0.88
C ALA E 31 -3.67 -9.38 2.34
N LEU E 32 -3.60 -10.64 2.76
CA LEU E 32 -3.17 -11.00 4.09
C LEU E 32 -2.06 -12.05 4.01
N LEU E 33 -1.25 -12.10 5.07
CA LEU E 33 -0.23 -13.11 5.25
C LEU E 33 -0.34 -13.64 6.68
N CYS E 34 0.02 -14.91 6.87
CA CYS E 34 -0.06 -15.53 8.19
C CYS E 34 1.18 -16.38 8.40
N TYR E 35 2.14 -15.84 9.17
CA TYR E 35 3.36 -16.57 9.46
C TYR E 35 3.19 -17.39 10.73
N GLN E 36 3.65 -18.65 10.67
CA GLN E 36 3.60 -19.59 11.78
C GLN E 36 5.02 -20.10 11.98
N LEU E 37 5.80 -19.40 12.78
CA LEU E 37 7.17 -19.80 13.06
C LEU E 37 7.13 -20.92 14.10
N THR E 38 7.73 -22.07 13.77
CA THR E 38 7.68 -23.26 14.61
C THR E 38 9.09 -23.69 14.97
N PRO E 39 9.69 -23.08 15.99
CA PRO E 39 10.98 -23.58 16.50
C PRO E 39 10.81 -24.93 17.17
N GLN E 40 11.36 -25.96 16.54
CA GLN E 40 11.30 -27.33 17.03
C GLN E 40 12.37 -27.65 18.06
N ASN E 41 13.28 -26.71 18.34
CA ASN E 41 14.30 -26.92 19.35
C ASN E 41 13.67 -27.22 20.71
N GLY E 42 12.89 -26.27 21.23
CA GLY E 42 12.17 -26.48 22.47
C GLY E 42 10.67 -26.47 22.26
N SER E 43 10.25 -26.61 21.00
CA SER E 43 8.84 -26.57 20.61
C SER E 43 8.18 -25.28 21.13
N THR E 44 8.68 -24.15 20.62
CA THR E 44 8.27 -22.84 21.09
C THR E 44 7.71 -22.02 19.93
N PRO E 45 6.48 -22.29 19.52
CA PRO E 45 5.95 -21.66 18.30
C PRO E 45 5.43 -20.25 18.54
N THR E 46 5.61 -19.40 17.53
CA THR E 46 5.04 -18.07 17.46
C THR E 46 4.17 -17.95 16.22
N ARG E 47 3.15 -17.10 16.30
CA ARG E 47 2.19 -16.93 15.21
C ARG E 47 1.92 -15.45 14.99
N GLY E 48 1.48 -15.12 13.79
CA GLY E 48 1.10 -13.75 13.52
C GLY E 48 0.53 -13.49 12.14
N TYR E 49 -0.39 -12.55 12.03
CA TYR E 49 -0.93 -12.13 10.76
C TYR E 49 -0.38 -10.76 10.39
N PHE E 50 -0.17 -10.56 9.08
CA PHE E 50 0.31 -9.30 8.53
C PHE E 50 -0.61 -8.91 7.38
N GLU E 51 -1.38 -7.84 7.58
CA GLU E 51 -2.12 -7.26 6.46
C GLU E 51 -1.16 -6.60 5.49
N ASN E 52 -1.59 -6.47 4.24
CA ASN E 52 -0.79 -5.74 3.25
C ASN E 52 -0.83 -4.27 3.61
N LYS E 53 0.25 -3.78 4.21
CA LYS E 53 0.28 -2.47 4.85
C LYS E 53 0.55 -1.38 3.81
N LYS E 54 0.86 -0.18 4.27
CA LYS E 54 0.92 1.01 3.43
C LYS E 54 2.11 0.89 2.48
N GLU E 55 1.84 0.45 1.25
CA GLU E 55 2.84 0.27 0.21
C GLU E 55 4.09 -0.45 0.73
N CYS E 56 3.84 -1.54 1.44
CA CYS E 56 4.90 -2.47 1.85
C CYS E 56 4.23 -3.82 1.98
N HIS E 57 4.42 -4.67 0.98
CA HIS E 57 3.70 -5.94 0.92
C HIS E 57 4.00 -6.78 2.16
N ALA E 58 2.97 -7.49 2.64
CA ALA E 58 3.06 -8.23 3.89
C ALA E 58 4.24 -9.19 3.93
N GLU E 59 4.76 -9.60 2.77
CA GLU E 59 5.97 -10.42 2.74
C GLU E 59 7.16 -9.64 3.28
N ILE E 60 7.35 -8.41 2.78
CA ILE E 60 8.45 -7.57 3.27
C ILE E 60 8.21 -7.17 4.71
N CYS E 61 6.95 -6.91 5.08
CA CYS E 61 6.63 -6.58 6.46
C CYS E 61 6.98 -7.72 7.40
N PHE E 62 6.64 -8.95 7.02
CA PHE E 62 6.96 -10.09 7.86
C PHE E 62 8.45 -10.40 7.86
N ILE E 63 9.14 -10.13 6.75
CA ILE E 63 10.59 -10.27 6.73
C ILE E 63 11.22 -9.31 7.73
N ASN E 64 10.80 -8.04 7.71
CA ASN E 64 11.34 -7.07 8.66
C ASN E 64 10.93 -7.39 10.09
N GLU E 65 9.78 -8.02 10.28
CA GLU E 65 9.38 -8.46 11.61
C GLU E 65 10.31 -9.55 12.13
N ILE E 66 10.57 -10.58 11.31
CA ILE E 66 11.54 -11.60 11.66
C ILE E 66 12.90 -10.99 11.91
N LYS E 67 13.24 -9.93 11.17
CA LYS E 67 14.53 -9.28 11.32
C LYS E 67 14.64 -8.57 12.66
N SER E 68 13.68 -7.70 12.97
CA SER E 68 13.73 -6.85 14.16
C SER E 68 13.12 -7.52 15.39
N MET E 69 12.75 -8.80 15.31
CA MET E 69 12.22 -9.48 16.48
C MET E 69 13.30 -10.18 17.30
N GLY E 70 14.44 -10.50 16.69
CA GLY E 70 15.50 -11.18 17.41
C GLY E 70 15.55 -12.66 17.09
N LEU E 71 16.47 -13.06 16.22
CA LEU E 71 16.61 -14.45 15.81
C LEU E 71 17.62 -15.17 16.71
N ASP E 72 17.65 -16.49 16.59
CA ASP E 72 18.61 -17.34 17.28
C ASP E 72 19.29 -18.21 16.24
N GLU E 73 20.54 -17.88 15.91
CA GLU E 73 21.28 -18.50 14.82
C GLU E 73 21.66 -19.96 15.09
N THR E 74 21.25 -20.54 16.21
CA THR E 74 21.67 -21.89 16.56
C THR E 74 20.78 -22.96 15.92
N GLN E 75 19.48 -22.91 16.19
CA GLN E 75 18.57 -23.97 15.78
C GLN E 75 17.91 -23.63 14.45
N CYS E 76 17.23 -24.62 13.89
CA CYS E 76 16.52 -24.48 12.63
C CYS E 76 15.03 -24.24 12.88
N TYR E 77 14.39 -23.53 11.94
CA TYR E 77 12.98 -23.18 12.05
C TYR E 77 12.25 -23.61 10.80
N GLN E 78 11.20 -24.42 10.98
CA GLN E 78 10.29 -24.81 9.90
C GLN E 78 9.08 -23.87 9.98
N VAL E 79 9.15 -22.79 9.22
CA VAL E 79 8.10 -21.76 9.24
C VAL E 79 7.11 -22.04 8.12
N THR E 80 5.83 -22.15 8.47
CA THR E 80 4.75 -22.23 7.51
C THR E 80 4.11 -20.84 7.34
N CYS E 81 3.55 -20.61 6.16
CA CYS E 81 3.00 -19.29 5.85
C CYS E 81 1.78 -19.49 4.95
N TYR E 82 0.59 -19.33 5.54
CA TYR E 82 -0.67 -19.42 4.81
C TYR E 82 -1.10 -18.01 4.46
N LEU E 83 -1.01 -17.64 3.19
CA LEU E 83 -1.34 -16.30 2.75
C LEU E 83 -2.51 -16.32 1.78
N THR E 84 -3.33 -15.27 1.84
CA THR E 84 -4.52 -15.20 1.00
C THR E 84 -4.17 -15.09 -0.47
N TRP E 85 -3.46 -14.03 -0.85
CA TRP E 85 -3.12 -13.75 -2.23
C TRP E 85 -1.65 -14.07 -2.47
N SER E 86 -1.38 -14.85 -3.51
CA SER E 86 -0.02 -15.28 -3.82
C SER E 86 0.92 -14.10 -3.90
N PRO E 87 2.18 -14.24 -3.48
CA PRO E 87 3.10 -13.10 -3.52
C PRO E 87 3.45 -12.72 -4.95
N CYS E 88 3.82 -11.46 -5.12
CA CYS E 88 4.13 -10.93 -6.44
C CYS E 88 5.58 -11.27 -6.81
N SER E 89 6.08 -10.65 -7.88
CA SER E 89 7.40 -11.00 -8.39
C SER E 89 8.51 -10.50 -7.48
N SER E 90 8.53 -9.18 -7.20
CA SER E 90 9.68 -8.58 -6.55
C SER E 90 9.82 -9.04 -5.10
N CYS E 91 8.72 -9.10 -4.35
CA CYS E 91 8.82 -9.52 -2.96
C CYS E 91 9.16 -11.00 -2.86
N ALA E 92 8.81 -11.80 -3.86
CA ALA E 92 9.25 -13.20 -3.87
C ALA E 92 10.77 -13.29 -3.98
N TRP E 93 11.38 -12.40 -4.79
CA TRP E 93 12.83 -12.39 -4.90
C TRP E 93 13.48 -11.86 -3.63
N GLU E 94 12.88 -10.84 -3.00
CA GLU E 94 13.34 -10.42 -1.69
C GLU E 94 13.26 -11.56 -0.68
N LEU E 95 12.18 -12.36 -0.76
CA LEU E 95 12.01 -13.49 0.14
C LEU E 95 13.09 -14.53 -0.07
N VAL E 96 13.38 -14.87 -1.34
CA VAL E 96 14.38 -15.90 -1.59
C VAL E 96 15.78 -15.39 -1.26
N ASP E 97 16.03 -14.09 -1.41
CA ASP E 97 17.33 -13.54 -1.02
C ASP E 97 17.48 -13.51 0.50
N PHE E 98 16.38 -13.26 1.22
CA PHE E 98 16.44 -13.33 2.68
C PHE E 98 16.55 -14.77 3.17
N ILE E 99 16.06 -15.73 2.37
CA ILE E 99 16.15 -17.13 2.75
C ILE E 99 17.55 -17.69 2.45
N LYS E 100 18.21 -17.19 1.41
CA LYS E 100 19.56 -17.65 1.13
C LYS E 100 20.55 -17.20 2.19
N ALA E 101 20.27 -16.09 2.88
CA ALA E 101 21.15 -15.59 3.93
C ALA E 101 20.93 -16.29 5.26
N HIS E 102 19.85 -17.05 5.41
CA HIS E 102 19.54 -17.78 6.64
C HIS E 102 19.36 -19.25 6.28
N ASP E 103 20.44 -20.03 6.42
CA ASP E 103 20.37 -21.45 6.13
C ASP E 103 19.61 -22.23 7.20
N HIS E 104 19.43 -21.64 8.38
CA HIS E 104 18.69 -22.25 9.47
C HIS E 104 17.17 -22.06 9.33
N LEU E 105 16.69 -21.58 8.19
CA LEU E 105 15.28 -21.37 7.95
C LEU E 105 14.80 -22.25 6.81
N ASN E 106 13.67 -22.92 7.00
CA ASN E 106 12.99 -23.66 5.94
C ASN E 106 11.54 -23.25 5.93
N LEU E 107 11.06 -22.74 4.79
CA LEU E 107 9.76 -22.11 4.70
C LEU E 107 8.85 -22.89 3.76
N ARG E 108 7.58 -23.01 4.17
CA ARG E 108 6.53 -23.55 3.32
C ARG E 108 5.52 -22.45 3.06
N ILE E 109 5.16 -22.26 1.79
CA ILE E 109 4.26 -21.20 1.35
C ILE E 109 2.98 -21.85 0.81
N PHE E 110 1.84 -21.52 1.41
CA PHE E 110 0.55 -22.01 0.95
C PHE E 110 -0.37 -20.81 0.71
N ALA E 111 -0.71 -20.57 -0.55
CA ALA E 111 -1.57 -19.47 -0.92
C ALA E 111 -3.02 -19.92 -1.11
N SER E 112 -3.92 -18.97 -1.01
CA SER E 112 -5.34 -19.23 -1.24
C SER E 112 -5.73 -18.98 -2.69
N ARG E 113 -5.35 -17.83 -3.23
CA ARG E 113 -5.59 -17.49 -4.63
C ARG E 113 -4.30 -17.08 -5.30
N LEU E 114 -4.14 -17.44 -6.57
CA LEU E 114 -2.98 -17.06 -7.36
C LEU E 114 -3.16 -15.62 -7.84
N TYR E 115 -2.80 -14.68 -6.96
CA TYR E 115 -2.87 -13.27 -7.29
C TYR E 115 -1.65 -12.85 -8.09
N TYR E 116 -1.90 -12.32 -9.29
CA TYR E 116 -0.85 -11.71 -10.09
C TYR E 116 -1.51 -10.85 -11.16
N HIS E 117 -0.68 -10.11 -11.90
CA HIS E 117 -1.17 -9.23 -12.95
C HIS E 117 -1.32 -9.96 -14.27
N TRP E 118 -1.29 -11.29 -14.26
CA TRP E 118 -1.51 -12.13 -15.44
C TRP E 118 -0.50 -11.87 -16.54
N CYS E 119 0.60 -11.21 -16.20
CA CYS E 119 1.73 -11.01 -17.09
C CYS E 119 2.82 -12.05 -16.81
N LYS E 120 3.98 -11.85 -17.42
CA LYS E 120 5.12 -12.77 -17.33
C LYS E 120 5.93 -12.69 -16.03
N PRO E 121 6.19 -11.49 -15.46
CA PRO E 121 7.11 -11.46 -14.31
C PRO E 121 6.64 -12.26 -13.10
N GLN E 122 5.36 -12.17 -12.75
CA GLN E 122 4.85 -12.92 -11.61
C GLN E 122 4.60 -14.39 -11.93
N GLN E 123 4.95 -14.84 -13.13
CA GLN E 123 4.86 -16.26 -13.46
C GLN E 123 6.06 -17.02 -12.92
N ASP E 124 7.27 -16.63 -13.35
CA ASP E 124 8.50 -17.21 -12.83
C ASP E 124 8.90 -16.64 -11.48
N GLY E 125 8.24 -15.59 -11.01
CA GLY E 125 8.55 -15.04 -9.70
C GLY E 125 8.31 -16.03 -8.57
N LEU E 126 7.38 -16.97 -8.76
CA LEU E 126 7.13 -18.02 -7.80
C LEU E 126 7.54 -19.40 -8.30
N ARG E 127 8.09 -19.49 -9.51
CA ARG E 127 8.61 -20.76 -10.00
C ARG E 127 10.01 -21.05 -9.44
N LEU E 128 10.77 -20.00 -9.10
CA LEU E 128 12.07 -20.22 -8.49
C LEU E 128 11.95 -20.74 -7.07
N LEU E 129 10.89 -20.33 -6.35
CA LEU E 129 10.69 -20.81 -4.98
C LEU E 129 10.48 -22.32 -4.95
N CYS E 130 9.48 -22.79 -5.70
CA CYS E 130 9.15 -24.22 -5.72
C CYS E 130 10.23 -25.06 -6.37
N GLY E 131 11.32 -24.47 -6.85
CA GLY E 131 12.38 -25.23 -7.48
C GLY E 131 13.72 -25.10 -6.78
N SER E 132 13.86 -24.10 -5.91
CA SER E 132 15.13 -23.87 -5.23
C SER E 132 15.04 -24.08 -3.73
N GLN E 133 14.16 -23.36 -3.02
CA GLN E 133 14.17 -23.46 -1.57
C GLN E 133 12.81 -23.74 -0.96
N VAL E 134 11.74 -23.16 -1.48
CA VAL E 134 10.45 -23.17 -0.80
C VAL E 134 9.40 -23.92 -1.60
N PRO E 135 8.91 -25.08 -1.13
CA PRO E 135 7.83 -25.76 -1.85
C PRO E 135 6.54 -24.98 -1.77
N VAL E 136 6.11 -24.38 -2.89
CA VAL E 136 4.97 -23.49 -2.93
C VAL E 136 3.82 -24.22 -3.60
N GLU E 137 2.76 -24.49 -2.84
CA GLU E 137 1.52 -25.03 -3.37
C GLU E 137 0.37 -24.28 -2.72
N VAL E 138 -0.78 -24.29 -3.39
CA VAL E 138 -1.94 -23.59 -2.84
C VAL E 138 -2.63 -24.44 -1.78
N MET E 139 -3.42 -23.79 -0.94
CA MET E 139 -4.09 -24.46 0.15
C MET E 139 -5.17 -25.41 -0.38
N GLY E 140 -5.47 -26.43 0.42
CA GLY E 140 -6.54 -27.36 0.12
C GLY E 140 -7.52 -27.42 1.27
N PHE E 141 -7.92 -28.62 1.67
CA PHE E 141 -8.78 -28.71 2.84
C PHE E 141 -7.97 -28.51 4.12
N PRO E 142 -6.87 -29.27 4.36
CA PRO E 142 -6.16 -29.11 5.64
C PRO E 142 -5.52 -27.74 5.79
N GLU E 143 -4.84 -27.26 4.75
CA GLU E 143 -4.13 -25.98 4.86
C GLU E 143 -5.08 -24.81 5.10
N PHE E 144 -6.28 -24.86 4.51
CA PHE E 144 -7.31 -23.89 4.88
C PHE E 144 -7.78 -24.09 6.31
N ALA E 145 -8.17 -25.33 6.65
CA ALA E 145 -8.65 -25.62 8.00
C ALA E 145 -7.59 -25.31 9.06
N ASP E 146 -6.31 -25.49 8.74
CA ASP E 146 -5.25 -25.12 9.66
C ASP E 146 -5.29 -23.63 9.97
N CYS E 147 -5.20 -22.80 8.94
CA CYS E 147 -5.22 -21.35 9.13
C CYS E 147 -6.53 -20.86 9.72
N TRP E 148 -7.62 -21.62 9.56
CA TRP E 148 -8.92 -21.19 10.03
C TRP E 148 -8.94 -21.04 11.55
N GLU E 149 -8.69 -22.12 12.28
CA GLU E 149 -8.77 -22.05 13.73
C GLU E 149 -7.49 -21.52 14.37
N ASN E 150 -6.34 -21.70 13.71
CA ASN E 150 -5.08 -21.22 14.28
C ASN E 150 -5.03 -19.69 14.33
N PHE E 151 -5.09 -19.04 13.17
CA PHE E 151 -4.91 -17.60 13.11
C PHE E 151 -6.19 -16.85 13.42
N VAL E 152 -7.27 -17.15 12.71
CA VAL E 152 -8.56 -16.50 12.98
C VAL E 152 -9.08 -17.00 14.32
N ASP E 153 -9.48 -16.05 15.17
CA ASP E 153 -9.90 -16.39 16.52
C ASP E 153 -11.14 -17.29 16.49
N HIS E 154 -11.03 -18.44 17.15
CA HIS E 154 -12.09 -19.43 17.21
C HIS E 154 -12.85 -19.36 18.53
N GLU E 155 -13.06 -18.15 19.04
CA GLU E 155 -13.62 -17.95 20.37
C GLU E 155 -15.13 -18.19 20.36
N LYS E 156 -15.80 -17.79 21.44
CA LYS E 156 -17.20 -18.06 21.74
C LYS E 156 -18.14 -17.79 20.56
N PRO E 157 -18.17 -16.59 19.98
CA PRO E 157 -19.14 -16.30 18.93
C PRO E 157 -18.73 -16.94 17.60
N LEU E 158 -19.69 -16.94 16.68
CA LEU E 158 -19.46 -17.47 15.33
C LEU E 158 -20.27 -16.63 14.34
N SER E 159 -19.58 -15.96 13.44
CA SER E 159 -20.22 -15.05 12.49
C SER E 159 -20.73 -15.81 11.25
N PHE E 160 -21.66 -16.72 11.51
CA PHE E 160 -22.38 -17.50 10.50
C PHE E 160 -21.46 -17.96 9.35
N ASN E 161 -20.32 -18.54 9.73
CA ASN E 161 -19.42 -19.18 8.77
C ASN E 161 -18.86 -20.46 9.37
N PRO E 162 -19.74 -21.40 9.79
CA PRO E 162 -19.25 -22.63 10.42
C PRO E 162 -18.54 -23.56 9.43
N TYR E 163 -19.22 -23.87 8.32
CA TYR E 163 -18.67 -24.77 7.32
C TYR E 163 -18.98 -24.32 5.90
N LYS E 164 -19.44 -23.09 5.70
CA LYS E 164 -19.66 -22.57 4.35
C LYS E 164 -18.39 -22.64 3.52
N MET E 165 -17.23 -22.50 4.16
CA MET E 165 -15.97 -22.62 3.45
C MET E 165 -15.76 -24.02 2.88
N LEU E 166 -16.30 -25.05 3.55
CA LEU E 166 -16.05 -26.44 3.14
C LEU E 166 -16.28 -26.66 1.66
N GLU E 167 -17.36 -26.09 1.10
CA GLU E 167 -17.56 -26.19 -0.34
C GLU E 167 -16.72 -25.19 -1.11
N GLU E 168 -16.54 -23.99 -0.55
CA GLU E 168 -15.74 -22.97 -1.22
C GLU E 168 -14.25 -23.28 -1.14
N LEU E 169 -13.78 -23.76 0.01
CA LEU E 169 -12.41 -24.27 0.11
C LEU E 169 -12.19 -25.38 -0.92
N ASP E 170 -13.20 -26.23 -1.15
CA ASP E 170 -13.05 -27.32 -2.09
C ASP E 170 -13.02 -26.81 -3.52
N LYS E 171 -13.85 -25.82 -3.83
CA LYS E 171 -13.79 -25.18 -5.15
C LYS E 171 -12.42 -24.57 -5.40
N ASN E 172 -11.93 -23.78 -4.43
CA ASN E 172 -10.63 -23.14 -4.57
C ASN E 172 -9.53 -24.18 -4.75
N SER E 173 -9.55 -25.24 -3.95
CA SER E 173 -8.58 -26.31 -4.13
C SER E 173 -8.68 -26.88 -5.54
N ARG E 174 -9.82 -27.49 -5.86
CA ARG E 174 -10.06 -28.14 -7.14
C ARG E 174 -9.59 -27.31 -8.33
N ALA E 175 -9.85 -26.00 -8.32
CA ALA E 175 -9.46 -25.18 -9.46
C ALA E 175 -8.00 -24.71 -9.36
N ILE E 176 -7.69 -23.93 -8.33
CA ILE E 176 -6.41 -23.23 -8.29
C ILE E 176 -5.24 -24.15 -7.97
N LYS E 177 -5.48 -25.30 -7.32
CA LYS E 177 -4.39 -26.25 -7.09
C LYS E 177 -3.96 -26.90 -8.39
N ARG E 178 -4.92 -27.28 -9.24
CA ARG E 178 -4.57 -27.77 -10.56
C ARG E 178 -3.90 -26.69 -11.39
N ARG E 179 -4.38 -25.45 -11.26
CA ARG E 179 -3.73 -24.33 -11.95
C ARG E 179 -2.27 -24.21 -11.52
N LEU E 180 -2.01 -24.20 -10.21
CA LEU E 180 -0.64 -24.07 -9.72
C LEU E 180 0.22 -25.27 -10.07
N ASP E 181 -0.38 -26.47 -10.15
CA ASP E 181 0.38 -27.64 -10.57
C ASP E 181 0.79 -27.52 -12.02
N ARG E 182 -0.13 -27.09 -12.89
CA ARG E 182 0.22 -26.85 -14.29
C ARG E 182 1.22 -25.72 -14.43
N ILE E 183 1.24 -24.78 -13.49
CA ILE E 183 2.25 -23.72 -13.52
C ILE E 183 3.62 -24.27 -13.13
N LYS E 184 3.68 -25.03 -12.04
CA LYS E 184 4.94 -25.61 -11.60
C LYS E 184 5.50 -26.59 -12.64
N GLN E 185 4.63 -27.28 -13.36
CA GLN E 185 5.07 -28.20 -14.40
C GLN E 185 5.49 -27.45 -15.66
N ASN H 32 -6.93 -50.31 7.39
CA ASN H 32 -7.85 -49.34 7.98
C ASN H 32 -8.10 -48.17 7.02
N MET H 33 -7.02 -47.57 6.54
CA MET H 33 -7.14 -46.44 5.63
C MET H 33 -7.72 -46.83 4.28
N ALA H 34 -7.62 -48.11 3.90
CA ALA H 34 -8.16 -48.55 2.62
C ALA H 34 -9.67 -48.70 2.65
N ILE H 35 -10.25 -48.94 3.82
CA ILE H 35 -11.69 -49.12 3.95
C ILE H 35 -12.32 -47.85 4.51
N ILE H 36 -11.56 -47.11 5.30
CA ILE H 36 -12.01 -45.85 5.88
C ILE H 36 -11.42 -44.75 5.01
N LYS H 37 -12.18 -44.32 4.01
CA LYS H 37 -11.71 -43.29 3.11
C LYS H 37 -11.72 -41.93 3.81
N GLU H 38 -11.02 -40.96 3.20
CA GLU H 38 -10.91 -39.63 3.78
C GLU H 38 -12.23 -38.87 3.76
N PHE H 39 -13.24 -39.35 3.04
CA PHE H 39 -14.57 -38.77 3.04
C PHE H 39 -15.58 -39.89 3.21
N MET H 40 -16.38 -39.82 4.28
CA MET H 40 -17.34 -40.86 4.60
C MET H 40 -18.63 -40.24 5.12
N ARG H 41 -19.74 -40.89 4.80
CA ARG H 41 -21.06 -40.50 5.26
C ARG H 41 -21.56 -41.50 6.29
N PHE H 42 -22.61 -41.11 7.01
CA PHE H 42 -23.22 -41.99 8.00
C PHE H 42 -24.72 -41.74 8.06
N LYS H 43 -25.44 -42.75 8.56
CA LYS H 43 -26.86 -42.67 8.83
C LYS H 43 -27.09 -43.02 10.30
N VAL H 44 -27.98 -42.27 10.95
CA VAL H 44 -28.20 -42.41 12.39
C VAL H 44 -29.70 -42.47 12.66
N HIS H 45 -30.09 -43.42 13.53
CA HIS H 45 -31.46 -43.59 13.97
C HIS H 45 -31.47 -43.60 15.49
N MET H 46 -32.18 -42.65 16.09
CA MET H 46 -32.25 -42.53 17.54
C MET H 46 -33.69 -42.65 18.00
N GLU H 47 -33.92 -43.50 19.00
CA GLU H 47 -35.20 -43.59 19.70
C GLU H 47 -35.00 -43.10 21.11
N GLY H 48 -35.81 -42.12 21.53
CA GLY H 48 -35.63 -41.50 22.83
C GLY H 48 -36.94 -41.26 23.53
N SER H 49 -36.83 -41.04 24.83
CA SER H 49 -37.99 -40.71 25.67
C SER H 49 -37.51 -39.78 26.77
N VAL H 50 -37.96 -38.53 26.73
CA VAL H 50 -37.55 -37.51 27.70
C VAL H 50 -38.78 -37.11 28.51
N ASN H 51 -38.71 -37.36 29.82
CA ASN H 51 -39.80 -37.04 30.75
C ASN H 51 -41.12 -37.65 30.30
N GLY H 52 -41.05 -38.87 29.76
CA GLY H 52 -42.22 -39.56 29.28
C GLY H 52 -42.61 -39.26 27.85
N HIS H 53 -42.07 -38.20 27.26
CA HIS H 53 -42.37 -37.84 25.87
C HIS H 53 -41.46 -38.64 24.95
N GLU H 54 -42.05 -39.54 24.16
CA GLU H 54 -41.29 -40.41 23.27
C GLU H 54 -41.13 -39.75 21.90
N PHE H 55 -40.02 -40.06 21.24
CA PHE H 55 -39.70 -39.46 19.95
C PHE H 55 -38.65 -40.29 19.23
N GLU H 56 -38.51 -40.04 17.94
CA GLU H 56 -37.49 -40.66 17.12
C GLU H 56 -36.88 -39.60 16.21
N ILE H 57 -35.59 -39.79 15.89
CA ILE H 57 -34.82 -38.84 15.09
C ILE H 57 -34.03 -39.61 14.05
N GLU H 58 -34.13 -39.19 12.79
CA GLU H 58 -33.39 -39.79 11.70
C GLU H 58 -32.44 -38.75 11.10
N GLY H 59 -31.21 -39.16 10.84
CA GLY H 59 -30.23 -38.20 10.35
C GLY H 59 -29.22 -38.81 9.41
N GLU H 60 -28.66 -37.95 8.55
CA GLU H 60 -27.56 -38.30 7.67
C GLU H 60 -26.50 -37.21 7.78
N GLY H 61 -25.23 -37.62 7.70
CA GLY H 61 -24.13 -36.70 7.85
C GLY H 61 -22.98 -37.06 6.93
N GLU H 62 -21.96 -36.21 6.94
CA GLU H 62 -20.78 -36.40 6.12
C GLU H 62 -19.64 -35.58 6.71
N GLY H 63 -18.42 -36.05 6.49
CA GLY H 63 -17.26 -35.35 6.99
C GLY H 63 -15.98 -36.05 6.59
N ARG H 64 -14.89 -35.61 7.20
CA ARG H 64 -13.56 -36.18 6.94
C ARG H 64 -12.97 -36.68 8.25
N PRO H 65 -12.88 -38.00 8.46
CA PRO H 65 -12.46 -38.49 9.78
C PRO H 65 -11.03 -38.17 10.14
N TYR H 66 -10.12 -38.08 9.15
CA TYR H 66 -8.72 -37.81 9.45
C TYR H 66 -8.42 -36.33 9.59
N GLU H 67 -9.33 -35.45 9.19
CA GLU H 67 -9.14 -34.01 9.36
C GLU H 67 -9.99 -33.43 10.49
N GLY H 68 -10.85 -34.22 11.10
CA GLY H 68 -11.57 -33.78 12.28
C GLY H 68 -12.70 -32.81 12.04
N THR H 69 -13.31 -32.83 10.86
CA THR H 69 -14.45 -31.98 10.56
C THR H 69 -15.64 -32.85 10.17
N GLN H 70 -16.82 -32.50 10.67
CA GLN H 70 -18.00 -33.24 10.25
C GLN H 70 -19.25 -32.36 10.36
N THR H 71 -20.22 -32.64 9.50
CA THR H 71 -21.52 -31.99 9.52
C THR H 71 -22.62 -33.04 9.46
N ALA H 72 -23.74 -32.74 10.12
CA ALA H 72 -24.84 -33.68 10.24
C ALA H 72 -26.17 -32.95 10.12
N LYS H 73 -27.12 -33.58 9.43
CA LYS H 73 -28.47 -33.05 9.26
C LYS H 73 -29.45 -34.00 9.92
N LEU H 74 -30.27 -33.48 10.84
CA LEU H 74 -31.20 -34.30 11.61
C LEU H 74 -32.63 -33.92 11.29
N LYS H 75 -33.54 -34.88 11.45
CA LYS H 75 -34.96 -34.67 11.25
C LYS H 75 -35.75 -35.41 12.31
N VAL H 76 -36.68 -34.72 12.95
CA VAL H 76 -37.57 -35.34 13.92
C VAL H 76 -38.70 -36.03 13.18
N THR H 77 -38.91 -37.32 13.49
CA THR H 77 -39.94 -38.10 12.82
C THR H 77 -41.16 -38.34 13.68
N LYS H 78 -41.06 -38.22 14.99
CA LYS H 78 -42.18 -38.43 15.90
C LYS H 78 -42.14 -37.39 17.01
N GLY H 79 -43.31 -36.89 17.38
CA GLY H 79 -43.40 -35.93 18.48
C GLY H 79 -43.06 -34.51 18.12
N GLY H 80 -43.03 -34.18 16.83
CA GLY H 80 -42.70 -32.83 16.40
C GLY H 80 -43.91 -31.91 16.32
N LEU H 82 -40.07 -31.06 19.70
CA LEU H 82 -39.51 -31.52 20.97
C LEU H 82 -39.72 -30.48 22.06
N PRO H 83 -40.23 -30.92 23.22
CA PRO H 83 -40.50 -29.99 24.31
C PRO H 83 -39.30 -29.68 25.19
N PHE H 84 -38.09 -30.00 24.76
CA PHE H 84 -36.88 -29.78 25.55
C PHE H 84 -35.80 -29.20 24.65
N ALA H 85 -34.69 -28.81 25.27
CA ALA H 85 -33.59 -28.20 24.55
C ALA H 85 -32.87 -29.23 23.67
N TRP H 86 -32.58 -28.84 22.43
CA TRP H 86 -31.84 -29.72 21.53
C TRP H 86 -30.39 -29.89 21.94
N ASP H 87 -29.84 -28.93 22.70
CA ASP H 87 -28.42 -28.96 23.03
C ASP H 87 -28.02 -30.19 23.84
N ILE H 88 -28.96 -30.83 24.53
CA ILE H 88 -28.65 -32.04 25.29
C ILE H 88 -28.41 -33.25 24.39
N LEU H 89 -28.78 -33.15 23.11
CA LEU H 89 -28.58 -34.25 22.17
C LEU H 89 -27.32 -34.11 21.33
N SER H 90 -26.75 -32.91 21.26
CA SER H 90 -25.58 -32.65 20.43
C SER H 90 -24.32 -33.40 20.88
N PRO H 91 -24.01 -33.51 22.18
CA PRO H 91 -22.78 -34.21 22.56
C PRO H 91 -22.80 -35.71 22.30
N GLN H 92 -23.88 -36.26 21.76
CA GLN H 92 -24.00 -37.70 21.53
C GLN H 92 -23.55 -38.11 20.14
N PHE H 93 -23.22 -37.16 19.27
CA PHE H 93 -22.76 -37.50 17.92
C PHE H 93 -21.24 -37.46 17.83
N LYS H 98 -18.23 -39.76 17.57
CA LYS H 98 -16.89 -39.62 18.10
C LYS H 98 -15.85 -40.27 17.19
N ALA H 99 -16.33 -40.91 16.12
CA ALA H 99 -15.44 -41.53 15.14
C ALA H 99 -14.77 -40.52 14.22
N TYR H 100 -15.00 -39.22 14.43
CA TYR H 100 -14.47 -38.17 13.57
C TYR H 100 -13.50 -37.27 14.34
N VAL H 101 -12.63 -37.88 15.14
CA VAL H 101 -11.63 -37.15 15.91
C VAL H 101 -10.29 -37.29 15.20
N LYS H 102 -9.62 -36.15 14.98
CA LYS H 102 -8.34 -36.17 14.31
C LYS H 102 -7.25 -36.69 15.24
N HIS H 103 -6.53 -37.71 14.78
CA HIS H 103 -5.44 -38.30 15.53
C HIS H 103 -4.14 -38.21 14.75
N PRO H 104 -3.04 -37.83 15.40
CA PRO H 104 -1.74 -37.85 14.72
C PRO H 104 -1.37 -39.26 14.25
N ALA H 105 -0.50 -39.31 13.25
CA ALA H 105 -0.14 -40.59 12.65
C ALA H 105 0.60 -41.49 13.64
N ASP H 106 1.35 -40.89 14.58
CA ASP H 106 2.10 -41.65 15.56
C ASP H 106 1.30 -41.93 16.83
N ILE H 107 0.01 -41.64 16.82
CA ILE H 107 -0.88 -41.96 17.93
C ILE H 107 -1.93 -42.95 17.42
N PRO H 108 -2.02 -44.15 17.99
CA PRO H 108 -2.98 -45.13 17.50
C PRO H 108 -4.42 -44.61 17.61
N ASP H 109 -5.13 -44.64 16.49
CA ASP H 109 -6.52 -44.18 16.43
C ASP H 109 -7.41 -45.32 16.89
N TYR H 110 -7.64 -45.37 18.21
CA TYR H 110 -8.40 -46.46 18.82
C TYR H 110 -9.79 -46.58 18.21
N LEU H 111 -10.47 -45.45 17.99
CA LEU H 111 -11.85 -45.49 17.52
C LEU H 111 -11.96 -45.86 16.05
N LYS H 112 -10.99 -45.47 15.23
CA LYS H 112 -11.05 -45.82 13.81
C LYS H 112 -10.81 -47.30 13.59
N LEU H 113 -9.92 -47.91 14.37
CA LEU H 113 -9.56 -49.31 14.17
C LEU H 113 -10.70 -50.26 14.52
N SER H 114 -11.71 -49.79 15.25
CA SER H 114 -12.82 -50.66 15.63
C SER H 114 -13.68 -51.07 14.44
N PHE H 115 -13.64 -50.31 13.36
CA PHE H 115 -14.40 -50.63 12.15
C PHE H 115 -13.71 -51.77 11.40
N PRO H 116 -14.45 -52.51 10.55
CA PRO H 116 -15.86 -52.36 10.16
C PRO H 116 -16.86 -52.86 11.20
N GLU H 117 -16.37 -53.54 12.25
CA GLU H 117 -17.27 -54.06 13.27
C GLU H 117 -18.01 -52.94 13.98
N GLY H 118 -17.30 -51.86 14.30
CA GLY H 118 -17.89 -50.75 15.02
C GLY H 118 -17.57 -50.80 16.50
N PHE H 119 -18.39 -50.11 17.28
CA PHE H 119 -18.21 -50.06 18.73
C PHE H 119 -19.54 -49.69 19.38
N LYS H 120 -19.52 -49.61 20.70
CA LYS H 120 -20.67 -49.17 21.47
C LYS H 120 -20.21 -48.12 22.48
N TRP H 121 -21.15 -47.31 22.94
CA TRP H 121 -20.83 -46.40 24.04
C TRP H 121 -22.08 -46.11 24.86
N GLU H 122 -21.87 -45.95 26.16
CA GLU H 122 -22.93 -45.69 27.12
C GLU H 122 -22.56 -44.47 27.95
N ARG H 123 -23.49 -43.51 28.04
CA ARG H 123 -23.22 -42.22 28.67
C ARG H 123 -24.29 -41.90 29.69
N VAL H 124 -23.86 -41.35 30.83
CA VAL H 124 -24.74 -40.87 31.88
C VAL H 124 -24.41 -39.41 32.14
N MET H 125 -25.42 -38.56 32.02
CA MET H 125 -25.28 -37.12 32.23
C MET H 125 -26.19 -36.72 33.39
N ASN H 126 -25.59 -36.27 34.49
CA ASN H 126 -26.31 -35.78 35.64
C ASN H 126 -26.23 -34.26 35.66
N PHE H 127 -27.35 -33.60 35.47
CA PHE H 127 -27.40 -32.14 35.51
C PHE H 127 -27.56 -31.66 36.94
N GLU H 128 -27.14 -30.41 37.18
CA GLU H 128 -27.05 -29.90 38.54
C GLU H 128 -28.42 -29.72 39.19
N ASP H 129 -29.50 -29.65 38.41
CA ASP H 129 -30.83 -29.46 38.96
C ASP H 129 -31.62 -30.76 39.05
N GLY H 130 -30.95 -31.91 38.95
CA GLY H 130 -31.59 -33.20 39.07
C GLY H 130 -31.89 -33.90 37.77
N GLY H 131 -31.69 -33.24 36.63
CA GLY H 131 -31.94 -33.88 35.36
C GLY H 131 -30.95 -35.01 35.09
N VAL H 132 -31.46 -36.10 34.54
CA VAL H 132 -30.67 -37.29 34.25
C VAL H 132 -30.89 -37.70 32.80
N VAL H 133 -29.81 -38.02 32.10
CA VAL H 133 -29.88 -38.48 30.72
C VAL H 133 -29.01 -39.72 30.58
N THR H 134 -29.61 -40.84 30.17
CA THR H 134 -28.89 -42.08 29.93
C THR H 134 -28.98 -42.42 28.44
N VAL H 135 -27.83 -42.62 27.81
CA VAL H 135 -27.75 -42.86 26.37
C VAL H 135 -26.95 -44.12 26.12
N THR H 136 -27.44 -44.96 25.20
CA THR H 136 -26.69 -46.08 24.67
C THR H 136 -26.63 -45.96 23.15
N GLN H 137 -25.50 -46.35 22.57
CA GLN H 137 -25.36 -46.21 21.13
C GLN H 137 -24.46 -47.28 20.56
N ASP H 138 -24.84 -47.79 19.39
CA ASP H 138 -24.07 -48.78 18.64
C ASP H 138 -23.73 -48.19 17.27
N SER H 139 -22.46 -48.31 16.88
CA SER H 139 -21.96 -47.81 15.61
C SER H 139 -21.39 -48.97 14.82
N SER H 140 -21.93 -49.21 13.62
CA SER H 140 -21.46 -50.29 12.78
C SER H 140 -21.17 -49.79 11.36
N PHE H 146 -21.96 -45.68 7.35
CA PHE H 146 -22.04 -46.08 8.75
C PHE H 146 -23.48 -46.07 9.24
N ILE H 147 -23.80 -46.96 10.17
CA ILE H 147 -25.13 -47.09 10.74
C ILE H 147 -25.02 -46.91 12.25
N TYR H 148 -25.73 -45.92 12.79
CA TYR H 148 -25.75 -45.64 14.21
C TYR H 148 -27.15 -45.90 14.76
N LYS H 149 -27.22 -46.62 15.87
CA LYS H 149 -28.49 -46.90 16.56
C LYS H 149 -28.37 -46.38 17.98
N VAL H 150 -29.24 -45.45 18.35
CA VAL H 150 -29.16 -44.75 19.63
C VAL H 150 -30.46 -44.98 20.40
N LYS H 151 -30.33 -45.17 21.71
CA LYS H 151 -31.46 -45.28 22.63
C LYS H 151 -31.22 -44.31 23.78
N LEU H 152 -32.16 -43.38 23.99
CA LEU H 152 -31.98 -42.28 24.92
C LEU H 152 -33.15 -42.19 25.88
N ARG H 153 -32.84 -41.94 27.16
CA ARG H 153 -33.86 -41.80 28.19
C ARG H 153 -33.49 -40.63 29.09
N GLY H 154 -34.32 -39.59 29.07
CA GLY H 154 -34.13 -38.42 29.93
C GLY H 154 -35.26 -38.32 30.94
N THR H 155 -34.89 -38.15 32.20
CA THR H 155 -35.86 -38.13 33.30
C THR H 155 -35.48 -37.07 34.32
N ASN H 156 -36.48 -36.68 35.12
CA ASN H 156 -36.29 -35.83 36.29
C ASN H 156 -35.79 -34.44 35.92
N PHE H 157 -36.24 -33.92 34.78
CA PHE H 157 -35.90 -32.55 34.45
C PHE H 157 -36.93 -31.60 35.06
N PRO H 158 -36.50 -30.60 35.83
CA PRO H 158 -37.46 -29.67 36.43
C PRO H 158 -38.24 -28.90 35.37
N SER H 159 -39.53 -28.70 35.63
CA SER H 159 -40.38 -27.99 34.69
C SER H 159 -39.96 -26.52 34.55
N ASP H 160 -39.36 -25.95 35.59
CA ASP H 160 -38.90 -24.58 35.58
C ASP H 160 -37.39 -24.48 35.39
N GLY H 161 -36.72 -25.59 35.10
CA GLY H 161 -35.29 -25.58 34.88
C GLY H 161 -34.93 -25.09 33.50
N PRO H 162 -33.64 -24.79 33.30
CA PRO H 162 -33.20 -24.26 32.01
C PRO H 162 -33.32 -25.25 30.86
N VAL H 163 -33.41 -26.55 31.14
CA VAL H 163 -33.55 -27.53 30.06
C VAL H 163 -34.96 -27.50 29.50
N MET H 164 -35.97 -27.67 30.37
CA MET H 164 -37.34 -27.69 29.91
C MET H 164 -37.86 -26.32 29.50
N GLN H 165 -37.28 -25.25 30.04
CA GLN H 165 -37.67 -23.90 29.67
C GLN H 165 -36.85 -23.33 28.51
N LYS H 166 -35.84 -24.08 28.04
CA LYS H 166 -35.04 -23.68 26.88
C LYS H 166 -34.35 -22.35 27.11
N LYS H 167 -33.64 -22.23 28.23
CA LYS H 167 -32.89 -21.04 28.57
C LYS H 167 -31.39 -21.21 28.32
N THR H 168 -31.02 -22.17 27.47
CA THR H 168 -29.62 -22.48 27.21
C THR H 168 -29.15 -21.78 25.93
N MET H 169 -27.83 -21.57 25.85
CA MET H 169 -27.22 -20.85 24.73
C MET H 169 -26.02 -21.60 24.18
N GLY H 170 -26.07 -22.92 24.18
CA GLY H 170 -24.98 -23.73 23.66
C GLY H 170 -23.93 -24.07 24.71
N TRP H 171 -23.17 -25.12 24.43
CA TRP H 171 -22.16 -25.60 25.37
C TRP H 171 -20.87 -24.81 25.24
N GLU H 172 -20.23 -24.57 26.38
CA GLU H 172 -18.89 -24.01 26.37
C GLU H 172 -17.87 -25.05 25.92
N ALA H 173 -16.68 -24.58 25.57
CA ALA H 173 -15.59 -25.49 25.24
C ALA H 173 -15.19 -26.30 26.47
N SER H 174 -15.00 -27.60 26.27
CA SER H 174 -14.71 -28.52 27.36
C SER H 174 -13.65 -29.51 26.91
N SER H 175 -12.52 -29.54 27.62
CA SER H 175 -11.44 -30.48 27.33
C SER H 175 -11.72 -31.78 28.07
N GLU H 176 -12.01 -32.85 27.32
CA GLU H 176 -12.28 -34.16 27.89
C GLU H 176 -11.00 -34.98 27.90
N ARG H 177 -10.56 -35.37 29.10
CA ARG H 177 -9.35 -36.17 29.26
C ARG H 177 -9.72 -37.65 29.23
N MET H 178 -9.10 -38.40 28.31
CA MET H 178 -9.36 -39.81 28.14
C MET H 178 -8.23 -40.64 28.75
N TYR H 179 -8.60 -41.78 29.32
CA TYR H 179 -7.64 -42.68 29.93
C TYR H 179 -8.19 -44.10 30.02
N ALA H 184 -12.09 -50.95 28.55
CA ALA H 184 -12.75 -49.94 27.72
C ALA H 184 -12.14 -48.56 27.96
N LEU H 185 -12.64 -47.57 27.23
CA LEU H 185 -12.17 -46.19 27.36
C LEU H 185 -13.18 -45.38 28.14
N LYS H 186 -12.71 -44.64 29.14
CA LYS H 186 -13.57 -43.85 30.01
C LYS H 186 -13.34 -42.37 29.78
N GLY H 187 -14.41 -41.59 29.88
CA GLY H 187 -14.32 -40.15 29.76
C GLY H 187 -15.25 -39.42 30.71
N GLU H 188 -14.71 -38.45 31.45
CA GLU H 188 -15.48 -37.67 32.41
C GLU H 188 -15.38 -36.20 32.05
N ILE H 189 -16.51 -35.51 32.06
CA ILE H 189 -16.61 -34.12 31.64
C ILE H 189 -17.35 -33.32 32.70
N LYS H 190 -16.80 -32.17 33.07
CA LYS H 190 -17.52 -31.17 33.85
C LYS H 190 -18.01 -30.11 32.87
N GLN H 191 -19.13 -30.42 32.22
CA GLN H 191 -19.60 -29.60 31.11
C GLN H 191 -20.40 -28.41 31.62
N ARG H 192 -20.28 -27.29 30.91
CA ARG H 192 -20.93 -26.04 31.28
C ARG H 192 -21.82 -25.58 30.15
N LEU H 193 -23.09 -25.32 30.46
CA LEU H 193 -24.08 -24.88 29.49
C LEU H 193 -24.36 -23.39 29.71
N LYS H 194 -24.19 -22.61 28.65
CA LYS H 194 -24.37 -21.17 28.75
C LYS H 194 -25.85 -20.82 28.96
N LEU H 195 -26.09 -19.83 29.81
CA LEU H 195 -27.44 -19.36 30.11
C LEU H 195 -27.68 -18.02 29.43
N LYS H 196 -28.95 -17.78 29.07
CA LYS H 196 -29.31 -16.54 28.40
C LYS H 196 -29.12 -15.33 29.32
N ASP H 197 -29.48 -15.47 30.60
CA ASP H 197 -29.39 -14.38 31.55
C ASP H 197 -28.03 -14.31 32.25
N GLY H 198 -27.06 -15.08 31.80
CA GLY H 198 -25.73 -15.05 32.37
C GLY H 198 -25.46 -16.29 33.22
N GLY H 199 -24.18 -16.52 33.48
CA GLY H 199 -23.77 -17.67 34.26
C GLY H 199 -23.63 -18.92 33.40
N HIS H 200 -23.56 -20.06 34.09
CA HIS H 200 -23.41 -21.34 33.42
C HIS H 200 -24.29 -22.38 34.09
N TYR H 201 -24.64 -23.41 33.33
CA TYR H 201 -25.46 -24.52 33.80
C TYR H 201 -24.61 -25.78 33.71
N ASP H 202 -24.15 -26.27 34.85
CA ASP H 202 -23.14 -27.32 34.90
C ASP H 202 -23.76 -28.70 34.95
N ALA H 203 -23.02 -29.68 34.41
CA ALA H 203 -23.45 -31.07 34.40
C ALA H 203 -22.22 -31.96 34.47
N GLU H 204 -22.39 -33.12 35.09
CA GLU H 204 -21.35 -34.14 35.16
C GLU H 204 -21.67 -35.25 34.17
N VAL H 205 -20.76 -35.48 33.23
CA VAL H 205 -20.97 -36.47 32.16
C VAL H 205 -19.93 -37.55 32.30
N LYS H 206 -20.36 -38.81 32.20
CA LYS H 206 -19.45 -39.96 32.24
C LYS H 206 -19.83 -40.90 31.11
N THR H 207 -18.86 -41.22 30.25
CA THR H 207 -19.11 -42.03 29.07
C THR H 207 -18.10 -43.16 28.98
N THR H 208 -18.57 -44.34 28.59
CA THR H 208 -17.75 -45.52 28.38
C THR H 208 -17.85 -45.91 26.92
N TYR H 209 -16.71 -45.97 26.24
CA TYR H 209 -16.61 -46.39 24.84
C TYR H 209 -15.91 -47.74 24.79
N LYS H 210 -16.55 -48.73 24.16
CA LYS H 210 -16.02 -50.08 24.09
C LYS H 210 -16.07 -50.55 22.64
N ALA H 211 -14.90 -50.88 22.09
CA ALA H 211 -14.83 -51.39 20.73
C ALA H 211 -15.26 -52.85 20.69
N LYS H 212 -15.86 -53.24 19.56
CA LYS H 212 -16.26 -54.63 19.36
C LYS H 212 -15.08 -55.55 19.08
N LYS H 213 -13.92 -54.99 18.75
CA LYS H 213 -12.74 -55.77 18.44
C LYS H 213 -11.57 -55.23 19.27
N PRO H 214 -10.80 -56.09 19.93
CA PRO H 214 -9.68 -55.60 20.76
C PRO H 214 -8.54 -55.07 19.91
N VAL H 215 -8.13 -53.83 20.20
CA VAL H 215 -7.01 -53.19 19.54
C VAL H 215 -6.13 -52.56 20.62
N GLN H 216 -4.97 -52.06 20.20
CA GLN H 216 -4.01 -51.51 21.14
C GLN H 216 -4.53 -50.23 21.77
N LEU H 217 -4.48 -50.17 23.11
CA LEU H 217 -4.92 -48.98 23.83
C LEU H 217 -3.79 -47.94 23.87
N PRO H 218 -4.13 -46.67 23.73
CA PRO H 218 -3.08 -45.62 23.76
C PRO H 218 -2.76 -45.16 25.17
N GLY H 219 -1.83 -44.21 25.29
CA GLY H 219 -1.49 -43.63 26.57
C GLY H 219 -2.43 -42.50 26.95
N ALA H 220 -1.95 -41.65 27.86
CA ALA H 220 -2.72 -40.50 28.31
C ALA H 220 -2.72 -39.40 27.25
N TYR H 221 -3.89 -38.80 27.04
CA TYR H 221 -4.04 -37.73 26.07
C TYR H 221 -5.33 -36.99 26.36
N ASN H 222 -5.44 -35.79 25.81
CA ASN H 222 -6.63 -34.96 26.02
C ASN H 222 -7.11 -34.41 24.68
N VAL H 223 -8.42 -34.47 24.45
CA VAL H 223 -9.02 -34.09 23.17
C VAL H 223 -9.72 -32.76 23.33
N ASN H 224 -9.37 -31.80 22.47
CA ASN H 224 -10.08 -30.53 22.40
C ASN H 224 -11.19 -30.67 21.36
N ILE H 225 -12.42 -30.39 21.78
CA ILE H 225 -13.61 -30.58 20.95
C ILE H 225 -14.41 -29.29 20.94
N LYS H 226 -14.90 -28.91 19.76
CA LYS H 226 -15.82 -27.78 19.63
C LYS H 226 -16.94 -28.16 18.69
N LEU H 227 -18.17 -28.01 19.17
CA LEU H 227 -19.38 -28.31 18.42
C LEU H 227 -20.18 -27.04 18.20
N ASP H 228 -20.82 -26.93 17.04
CA ASP H 228 -21.57 -25.74 16.67
C ASP H 228 -22.88 -26.16 16.02
N ILE H 229 -23.94 -25.42 16.33
CA ILE H 229 -25.22 -25.58 15.64
C ILE H 229 -25.24 -24.59 14.48
N THR H 230 -25.17 -25.11 13.26
CA THR H 230 -25.00 -24.25 12.09
C THR H 230 -26.32 -23.68 11.60
N SER H 231 -27.42 -24.39 11.78
CA SER H 231 -28.71 -23.93 11.30
C SER H 231 -29.82 -24.68 12.03
N HIS H 232 -30.95 -23.99 12.21
CA HIS H 232 -32.10 -24.57 12.88
C HIS H 232 -33.32 -23.70 12.58
N ASN H 233 -34.49 -24.33 12.54
CA ASN H 233 -35.74 -23.61 12.36
C ASN H 233 -36.23 -23.11 13.72
N GLU H 234 -37.44 -22.57 13.76
CA GLU H 234 -37.95 -21.95 14.98
C GLU H 234 -38.19 -22.97 16.08
N ASP H 235 -38.67 -24.16 15.71
CA ASP H 235 -39.01 -25.20 16.69
C ASP H 235 -37.94 -26.27 16.80
N TYR H 236 -36.76 -26.06 16.21
CA TYR H 236 -35.64 -26.99 16.31
C TYR H 236 -36.00 -28.39 15.83
N THR H 237 -36.78 -28.46 14.75
CA THR H 237 -37.13 -29.73 14.13
C THR H 237 -36.19 -30.10 12.99
N ILE H 238 -35.45 -29.15 12.44
CA ILE H 238 -34.46 -29.38 11.40
C ILE H 238 -33.18 -28.71 11.86
N VAL H 239 -32.16 -29.51 12.19
CA VAL H 239 -30.93 -29.03 12.80
C VAL H 239 -29.74 -29.57 12.04
N GLU H 240 -28.78 -28.70 11.73
CA GLU H 240 -27.49 -29.09 11.19
C GLU H 240 -26.40 -28.77 12.20
N GLN H 241 -25.47 -29.70 12.36
CA GLN H 241 -24.43 -29.60 13.37
C GLN H 241 -23.06 -29.75 12.72
N TYR H 242 -22.07 -29.08 13.29
CA TYR H 242 -20.69 -29.14 12.85
C TYR H 242 -19.81 -29.46 14.03
N GLU H 243 -18.81 -30.32 13.83
CA GLU H 243 -17.94 -30.75 14.91
C GLU H 243 -16.49 -30.77 14.46
N ARG H 244 -15.63 -30.24 15.34
CA ARG H 244 -14.18 -30.30 15.21
C ARG H 244 -13.61 -30.94 16.48
N ALA H 245 -12.69 -31.89 16.31
CA ALA H 245 -12.10 -32.57 17.45
C ALA H 245 -10.65 -32.93 17.13
N GLU H 246 -9.75 -32.63 18.06
CA GLU H 246 -8.33 -32.91 17.85
C GLU H 246 -7.68 -33.33 19.15
N GLY H 247 -6.92 -34.42 19.11
CA GLY H 247 -6.22 -34.91 20.29
C GLY H 247 -4.86 -34.28 20.47
N ARG H 248 -4.42 -34.20 21.73
CA ARG H 248 -3.15 -33.61 22.10
C ARG H 248 -2.54 -34.42 23.24
N HIS H 249 -1.22 -34.31 23.37
CA HIS H 249 -0.51 -34.96 24.46
C HIS H 249 -0.80 -34.25 25.79
N SER H 250 -0.85 -35.04 26.85
CA SER H 250 -1.09 -34.49 28.18
C SER H 250 0.23 -34.24 28.90
ZN ZN I . 4.62 -1.58 -8.88
ZN ZN J . 4.89 -8.21 -3.52
#